data_6OG1
#
_entry.id   6OG1
#
loop_
_entity.id
_entity.type
_entity.pdbx_description
1 polymer 'Hyperactive disaggregase ClpB'
2 non-polymer "ADENOSINE-5'-DIPHOSPHATE"
3 non-polymer 'PHOSPHOTHIOPHOSPHORIC ACID-ADENYLATE ESTER'
#
_entity_poly.entity_id   1
_entity_poly.type   'polypeptide(L)'
_entity_poly.pdbx_seq_one_letter_code
;MRLDRLTNKFQLALADAQSLALGHDNQFIEPLHLMSALLNQEGGSVSPLLTSAGINAGQLRTDINQALNRLPQVEGTGGD
VQPSQDLVRVLNLCDNVAQKRGDNFISSELFVLAALESRGTVADILKAAGATTANITQAIEQMRGGESVNDQGAEDQRQA
LKKYTIDLTERAEQGKLDPVIGRDEEIRRTIQVLQRRTKNNPVLIGEPGVGKTAIVEGLAQRIINGEVPEGLKGRRVLAL
DMGALVAGAKYRGEFEERLKGVLNDLAKQEGNVILFIDELHTMVGAGKADGAMDAGNMLKPALARGELHCVGATTLDEYR
QYIEKDAALERRFQKVFVAEPSVEDTIAILRGLKERYELHHHVQITDPAIVAAATLSHRYIADRQLPDKAIDLIDEAASS
IRMQIDSKPEELDRLDRRIIQLKLEQQALMKESDEASKKRLDMLNEELSDKERQYSELEEEWKAEKASLSGTQTIKCELE
QAKIAIEQARRVGDLARMSELQYGKIPELEKQLEAATQLEGKTMRLLRNKVTDAEIAEVLARWTGIPVSRMMESEREKLL
RMEQELHHRVIGQNEAVDAVSNAIRRSRAGLADPNRPIGSFLFLGPTGVGKTELCKALANFMFDSDEAMVRIDMSEFMEK
HSVSRLVGAPPGYVGYEEGGYLTEAVRRRPYSVILLDEVEKAHPDVFNILLQVLDDGRLTDGQGRTVDFRNTVVIMTSNL
GSDLIQERFGELDYAHMKELVLGVVSHNFRPEFINRIDEVVVFHPLGEQHIASIAQIQLKRLYKRLEERGYEIHISDEAL
KLLSENGYDPVYGARPLKRAIQQQIENPLAQQILSGELVPGKVIRLEVNEDRIVAVQRSRSHHHHHH
;
_entity_poly.pdbx_strand_id   F,A
#
loop_
_chem_comp.id
_chem_comp.type
_chem_comp.name
_chem_comp.formula
ADP non-polymer ADENOSINE-5'-DIPHOSPHATE 'C10 H15 N5 O10 P2'
AGS non-polymer 'PHOSPHOTHIOPHOSPHORIC ACID-ADENYLATE ESTER' 'C10 H16 N5 O12 P3 S'
#
# COMPACT_ATOMS: atom_id res chain seq x y z
N LEU A 161 26.62 -39.32 16.78
CA LEU A 161 25.38 -39.10 17.51
C LEU A 161 25.31 -37.68 18.04
N LYS A 162 25.96 -36.74 17.34
CA LYS A 162 26.08 -35.37 17.81
C LYS A 162 25.31 -34.38 16.94
N LYS A 163 25.48 -34.44 15.62
CA LYS A 163 25.04 -33.35 14.75
C LYS A 163 23.55 -33.42 14.44
N TYR A 164 23.13 -34.50 13.78
CA TYR A 164 21.79 -34.56 13.18
C TYR A 164 20.78 -35.21 14.11
N THR A 165 20.93 -35.05 15.42
CA THR A 165 19.92 -35.52 16.35
C THR A 165 19.58 -34.41 17.36
N ILE A 166 18.36 -33.90 17.25
CA ILE A 166 17.80 -32.93 18.20
C ILE A 166 16.54 -33.54 18.78
N ASP A 167 16.51 -33.68 20.10
CA ASP A 167 15.40 -34.31 20.79
C ASP A 167 14.56 -33.21 21.44
N LEU A 168 13.27 -33.16 21.08
CA LEU A 168 12.39 -32.11 21.55
C LEU A 168 11.64 -32.47 22.83
N THR A 169 12.02 -33.56 23.50
CA THR A 169 11.52 -33.85 24.84
C THR A 169 12.26 -33.03 25.89
N GLU A 170 13.46 -32.57 25.55
CA GLU A 170 14.35 -31.81 26.44
C GLU A 170 13.82 -30.40 26.74
N ARG A 171 12.91 -29.88 25.90
CA ARG A 171 12.56 -28.46 25.95
C ARG A 171 11.77 -28.11 27.21
N ALA A 172 11.16 -29.10 27.85
CA ALA A 172 10.51 -28.91 29.14
C ALA A 172 11.40 -29.37 30.29
N GLU A 173 12.50 -30.09 30.00
CA GLU A 173 13.42 -30.51 31.04
C GLU A 173 14.34 -29.37 31.48
N GLN A 174 14.70 -28.49 30.58
CA GLN A 174 15.65 -27.41 30.85
C GLN A 174 14.98 -26.05 30.86
N GLY A 175 13.78 -25.93 30.31
CA GLY A 175 13.11 -24.65 30.24
C GLY A 175 13.66 -23.80 29.11
N LYS A 176 14.19 -24.43 28.07
CA LYS A 176 14.72 -23.71 26.91
C LYS A 176 13.53 -23.41 26.00
N LEU A 177 12.80 -22.36 26.35
CA LEU A 177 11.69 -21.90 25.52
C LEU A 177 11.51 -20.41 25.78
N ASP A 178 11.46 -19.64 24.70
CA ASP A 178 11.06 -18.26 24.81
C ASP A 178 9.68 -18.12 24.17
N PRO A 179 8.63 -17.96 24.97
CA PRO A 179 7.27 -18.10 24.42
C PRO A 179 6.88 -16.92 23.55
N VAL A 180 6.21 -17.23 22.44
CA VAL A 180 5.70 -16.20 21.54
C VAL A 180 4.33 -15.78 22.04
N ILE A 181 4.11 -14.47 22.11
CA ILE A 181 2.83 -13.89 22.54
C ILE A 181 2.46 -12.80 21.55
N GLY A 182 1.27 -12.90 20.98
CA GLY A 182 0.77 -11.87 20.09
C GLY A 182 0.49 -12.35 18.69
N ARG A 183 1.37 -13.21 18.17
CA ARG A 183 1.25 -13.72 16.81
C ARG A 183 0.53 -15.06 16.84
N ASP A 184 -0.75 -15.06 16.47
CA ASP A 184 -1.43 -16.31 16.19
C ASP A 184 -2.15 -16.33 14.85
N GLU A 185 -2.71 -15.22 14.39
CA GLU A 185 -3.26 -15.14 13.04
C GLU A 185 -2.19 -14.88 11.99
N GLU A 186 -0.94 -14.70 12.40
CA GLU A 186 0.18 -14.64 11.48
C GLU A 186 1.14 -15.81 11.64
N ILE A 187 0.86 -16.75 12.54
CA ILE A 187 1.64 -17.99 12.61
C ILE A 187 0.83 -19.20 12.14
N ARG A 188 -0.48 -19.21 12.36
CA ARG A 188 -1.34 -20.25 11.82
C ARG A 188 -1.45 -20.13 10.31
N ARG A 189 -1.20 -18.94 9.76
CA ARG A 189 -0.92 -18.74 8.35
C ARG A 189 0.27 -19.53 7.84
N THR A 190 1.36 -19.58 8.62
CA THR A 190 2.53 -20.37 8.25
C THR A 190 2.36 -21.84 8.60
N ILE A 191 1.22 -22.23 9.16
CA ILE A 191 0.82 -23.63 9.19
C ILE A 191 -0.18 -23.94 8.08
N GLN A 192 -0.93 -22.93 7.59
CA GLN A 192 -1.70 -23.13 6.37
C GLN A 192 -0.80 -23.32 5.17
N VAL A 193 0.20 -22.45 5.00
CA VAL A 193 1.15 -22.56 3.90
C VAL A 193 1.94 -23.85 3.97
N LEU A 194 2.36 -24.25 5.15
CA LEU A 194 3.20 -25.42 5.33
C LEU A 194 2.45 -26.74 5.13
N GLN A 195 1.14 -26.79 5.34
CA GLN A 195 0.38 -28.03 5.26
C GLN A 195 0.03 -28.44 3.84
N ARG A 196 0.36 -27.64 2.84
CA ARG A 196 0.03 -27.93 1.46
C ARG A 196 1.04 -28.90 0.87
N ARG A 197 0.96 -29.15 -0.44
CA ARG A 197 2.02 -29.84 -1.15
C ARG A 197 2.50 -29.06 -2.37
N THR A 198 1.66 -28.18 -2.92
CA THR A 198 2.11 -27.15 -3.85
C THR A 198 2.41 -25.91 -3.02
N LYS A 199 3.64 -25.42 -3.11
CA LYS A 199 4.10 -24.17 -2.50
C LYS A 199 4.01 -24.25 -0.97
N ASN A 200 4.52 -25.36 -0.43
CA ASN A 200 4.44 -25.65 1.00
C ASN A 200 5.74 -25.27 1.73
N ASN A 201 6.22 -24.06 1.50
CA ASN A 201 7.41 -23.56 2.18
C ASN A 201 7.16 -22.12 2.60
N PRO A 202 6.79 -21.88 3.86
CA PRO A 202 6.63 -20.50 4.31
C PRO A 202 7.98 -19.84 4.55
N VAL A 203 8.23 -18.74 3.87
CA VAL A 203 9.39 -17.90 4.19
C VAL A 203 8.85 -16.70 4.97
N LEU A 204 9.35 -16.55 6.19
CA LEU A 204 8.85 -15.52 7.09
C LEU A 204 9.55 -14.20 6.80
N ILE A 205 8.77 -13.16 6.48
CA ILE A 205 9.31 -11.94 5.90
C ILE A 205 8.89 -10.74 6.75
N GLY A 206 9.87 -10.00 7.27
CA GLY A 206 9.60 -8.73 7.93
C GLY A 206 10.46 -8.42 9.14
N GLU A 207 9.81 -7.91 10.19
CA GLU A 207 10.39 -7.49 11.46
C GLU A 207 10.41 -8.75 12.33
N PRO A 208 11.18 -8.85 13.42
CA PRO A 208 11.41 -10.17 14.03
C PRO A 208 10.24 -10.66 14.87
N GLY A 209 10.50 -11.76 15.58
CA GLY A 209 9.57 -12.28 16.56
C GLY A 209 9.19 -13.74 16.44
N VAL A 210 9.00 -14.21 15.21
CA VAL A 210 8.66 -15.60 14.96
C VAL A 210 9.96 -16.40 14.83
N GLY A 211 10.52 -16.40 13.62
CA GLY A 211 11.76 -17.10 13.34
C GLY A 211 11.83 -18.52 13.86
N LYS A 212 11.01 -19.40 13.29
CA LYS A 212 10.93 -20.82 13.65
C LYS A 212 11.02 -21.13 15.15
N THR A 213 10.20 -20.41 15.94
CA THR A 213 10.16 -20.60 17.37
C THR A 213 8.71 -20.64 17.83
N ALA A 214 7.83 -20.13 16.97
CA ALA A 214 6.40 -20.10 17.24
C ALA A 214 5.69 -21.38 16.83
N ILE A 215 6.17 -22.06 15.77
CA ILE A 215 5.50 -23.29 15.36
C ILE A 215 6.06 -24.49 16.10
N VAL A 216 7.23 -24.35 16.73
CA VAL A 216 7.83 -25.51 17.39
C VAL A 216 7.47 -25.55 18.88
N GLU A 217 7.29 -24.39 19.52
CA GLU A 217 6.87 -24.41 20.91
C GLU A 217 5.35 -24.44 21.01
N GLY A 218 4.67 -23.95 19.97
CA GLY A 218 3.22 -24.03 19.88
C GLY A 218 2.75 -25.32 19.26
N LEU A 219 3.53 -26.38 19.48
CA LEU A 219 3.27 -27.72 18.97
C LEU A 219 3.22 -28.79 20.04
N ALA A 220 4.04 -28.68 21.10
CA ALA A 220 4.03 -29.67 22.17
C ALA A 220 2.95 -29.36 23.20
N GLN A 221 2.38 -28.15 23.15
CA GLN A 221 1.40 -27.74 24.15
C GLN A 221 0.05 -28.43 24.00
N ARG A 222 -0.25 -28.98 22.82
CA ARG A 222 -1.55 -29.56 22.55
C ARG A 222 -1.54 -31.09 22.54
N ILE A 223 -0.42 -31.73 22.89
CA ILE A 223 -0.30 -33.18 22.81
C ILE A 223 -0.01 -33.80 24.18
N ILE A 224 0.86 -33.15 24.97
CA ILE A 224 1.32 -33.76 26.23
C ILE A 224 0.36 -33.49 27.38
N ASN A 225 -0.39 -32.39 27.34
CA ASN A 225 -1.35 -32.07 28.39
C ASN A 225 -2.57 -32.99 28.34
N GLY A 226 -3.16 -33.20 27.17
CA GLY A 226 -4.13 -34.25 27.02
C GLY A 226 -5.59 -33.86 27.04
N GLU A 227 -5.99 -32.92 26.18
CA GLU A 227 -7.41 -32.70 25.94
C GLU A 227 -7.90 -33.52 24.76
N VAL A 228 -7.06 -33.69 23.74
CA VAL A 228 -7.39 -34.48 22.56
C VAL A 228 -6.84 -35.89 22.78
N PRO A 229 -7.53 -36.95 22.31
CA PRO A 229 -6.97 -38.31 22.45
C PRO A 229 -5.75 -38.57 21.57
N GLU A 230 -5.22 -39.80 21.64
CA GLU A 230 -4.00 -40.13 20.92
C GLU A 230 -4.28 -40.54 19.47
N GLY A 231 -5.54 -40.84 19.12
CA GLY A 231 -5.90 -41.16 17.74
C GLY A 231 -5.82 -39.99 16.77
N LEU A 232 -5.61 -38.77 17.26
CA LEU A 232 -5.47 -37.60 16.40
C LEU A 232 -4.10 -36.98 16.52
N LYS A 233 -3.45 -37.04 17.68
CA LYS A 233 -2.15 -36.41 17.84
C LYS A 233 -1.08 -37.32 17.26
N GLY A 234 0.07 -36.76 16.93
CA GLY A 234 1.07 -37.48 16.18
C GLY A 234 1.79 -36.63 15.16
N ARG A 235 1.49 -35.32 15.13
CA ARG A 235 2.15 -34.37 14.23
C ARG A 235 3.49 -33.92 14.82
N ARG A 236 4.33 -34.89 15.15
CA ARG A 236 5.57 -34.61 15.86
C ARG A 236 6.70 -34.43 14.85
N VAL A 237 7.10 -33.19 14.65
CA VAL A 237 8.04 -32.78 13.63
C VAL A 237 9.26 -32.29 14.40
N LEU A 238 10.32 -31.86 13.72
CA LEU A 238 11.58 -31.49 14.35
C LEU A 238 11.99 -30.13 13.80
N ALA A 239 13.24 -29.75 14.01
CA ALA A 239 13.65 -28.37 13.81
C ALA A 239 15.02 -28.34 13.13
N LEU A 240 15.67 -27.17 13.15
CA LEU A 240 16.86 -26.89 12.36
C LEU A 240 18.10 -27.52 12.99
N ASP A 241 18.94 -28.13 12.15
CA ASP A 241 20.35 -28.35 12.45
C ASP A 241 21.16 -27.52 11.46
N MET A 242 21.97 -26.59 11.97
CA MET A 242 22.73 -25.69 11.11
C MET A 242 24.17 -25.50 11.59
N GLY A 243 24.44 -25.77 12.86
CA GLY A 243 25.69 -25.40 13.51
C GLY A 243 26.97 -26.00 12.97
N ALA A 244 27.03 -27.33 12.86
CA ALA A 244 28.26 -28.02 12.51
C ALA A 244 28.43 -28.24 11.01
N LEU A 245 27.79 -27.41 10.17
CA LEU A 245 27.95 -27.58 8.72
C LEU A 245 29.33 -27.14 8.26
N VAL A 246 29.64 -25.86 8.43
CA VAL A 246 30.89 -25.33 7.86
C VAL A 246 32.07 -25.58 8.80
N ALA A 247 31.81 -25.68 10.10
CA ALA A 247 32.89 -25.85 11.06
C ALA A 247 33.31 -27.31 11.17
N GLY A 248 34.63 -27.51 11.28
CA GLY A 248 35.18 -28.84 11.38
C GLY A 248 35.42 -29.55 10.07
N ALA A 249 35.02 -28.97 8.94
CA ALA A 249 35.26 -29.55 7.64
C ALA A 249 36.37 -28.78 6.95
N LYS A 250 37.34 -29.49 6.37
CA LYS A 250 38.58 -28.90 5.91
C LYS A 250 38.59 -28.68 4.40
N TYR A 251 38.40 -29.76 3.63
CA TYR A 251 38.77 -29.78 2.22
C TYR A 251 37.69 -29.15 1.34
N ARG A 252 37.99 -29.08 0.04
CA ARG A 252 37.01 -28.77 -0.99
C ARG A 252 36.34 -30.08 -1.42
N GLY A 253 35.02 -30.12 -1.36
CA GLY A 253 34.30 -31.34 -1.67
C GLY A 253 34.11 -32.29 -0.50
N GLU A 254 34.98 -32.25 0.51
CA GLU A 254 34.74 -33.01 1.72
C GLU A 254 33.94 -32.20 2.72
N PHE A 255 33.74 -30.90 2.46
CA PHE A 255 32.66 -30.19 3.13
C PHE A 255 31.32 -30.56 2.54
N GLU A 256 31.29 -30.88 1.24
CA GLU A 256 30.04 -31.14 0.55
C GLU A 256 29.49 -32.53 0.90
N GLU A 257 30.35 -33.44 1.34
CA GLU A 257 29.90 -34.78 1.66
C GLU A 257 29.15 -34.82 3.00
N ARG A 258 29.24 -33.76 3.79
CA ARG A 258 28.47 -33.67 5.03
C ARG A 258 27.06 -33.14 4.77
N LEU A 259 26.90 -32.28 3.78
CA LEU A 259 25.58 -31.73 3.47
C LEU A 259 24.74 -32.72 2.68
N LYS A 260 25.37 -33.54 1.84
CA LYS A 260 24.62 -34.60 1.16
C LYS A 260 24.33 -35.76 2.10
N GLY A 261 25.08 -35.90 3.18
CA GLY A 261 24.84 -36.95 4.15
C GLY A 261 23.83 -36.59 5.22
N VAL A 262 23.45 -35.32 5.34
CA VAL A 262 22.47 -34.90 6.31
C VAL A 262 21.05 -34.97 5.75
N LEU A 263 20.88 -34.99 4.43
CA LEU A 263 19.55 -35.03 3.85
C LEU A 263 19.16 -36.43 3.39
N ASN A 264 20.11 -37.26 2.98
CA ASN A 264 19.74 -38.53 2.36
C ASN A 264 19.49 -39.63 3.38
N ASP A 265 20.16 -39.59 4.55
CA ASP A 265 20.00 -40.68 5.50
C ASP A 265 18.98 -40.36 6.59
N LEU A 266 18.15 -39.32 6.38
CA LEU A 266 16.95 -39.17 7.21
C LEU A 266 15.76 -39.94 6.63
N ALA A 267 16.00 -40.79 5.63
CA ALA A 267 14.97 -41.53 4.93
C ALA A 267 15.08 -43.01 5.24
N LYS A 268 15.33 -43.32 6.52
CA LYS A 268 15.53 -44.69 7.00
C LYS A 268 14.23 -45.34 7.44
N GLN A 269 13.14 -44.57 7.55
CA GLN A 269 11.89 -45.10 8.07
C GLN A 269 10.70 -44.75 7.17
N GLU A 270 11.00 -44.45 5.89
CA GLU A 270 10.00 -44.29 4.83
C GLU A 270 9.05 -43.12 5.07
N GLY A 271 9.57 -42.05 5.67
CA GLY A 271 8.78 -40.88 5.97
C GLY A 271 8.02 -40.91 7.27
N ASN A 272 8.49 -41.68 8.26
CA ASN A 272 7.83 -41.78 9.56
C ASN A 272 7.91 -40.47 10.32
N VAL A 273 9.03 -39.78 10.20
CA VAL A 273 9.21 -38.47 10.80
C VAL A 273 9.57 -37.47 9.70
N ILE A 274 9.05 -36.26 9.82
CA ILE A 274 9.33 -35.19 8.88
C ILE A 274 10.09 -34.08 9.59
N LEU A 275 10.61 -33.15 8.81
CA LEU A 275 11.63 -32.22 9.30
C LEU A 275 11.46 -30.88 8.60
N PHE A 276 11.64 -29.81 9.37
CA PHE A 276 11.74 -28.47 8.82
C PHE A 276 13.20 -28.03 8.85
N ILE A 277 13.53 -27.12 7.95
CA ILE A 277 14.82 -26.43 7.95
C ILE A 277 14.52 -24.94 8.09
N ASP A 278 15.36 -24.21 8.82
CA ASP A 278 15.10 -22.81 9.12
C ASP A 278 16.23 -21.94 8.56
N GLU A 279 15.86 -20.67 8.27
CA GLU A 279 16.75 -19.59 7.86
C GLU A 279 17.51 -19.90 6.57
N LEU A 280 16.78 -20.00 5.46
CA LEU A 280 17.38 -20.37 4.18
C LEU A 280 17.37 -19.15 3.29
N HIS A 281 18.46 -18.38 3.31
CA HIS A 281 18.64 -17.24 2.41
C HIS A 281 20.07 -17.05 1.91
N THR A 282 21.04 -17.76 2.49
CA THR A 282 22.43 -17.35 2.41
C THR A 282 23.11 -17.65 1.07
N MET A 283 23.08 -18.92 0.65
CA MET A 283 23.95 -19.53 -0.39
C MET A 283 25.36 -18.92 -0.51
N ASP A 294 23.01 -21.55 2.23
CA ASP A 294 22.36 -22.71 1.63
C ASP A 294 20.97 -22.36 1.16
N ALA A 295 20.87 -21.70 0.01
CA ALA A 295 19.58 -21.24 -0.49
C ALA A 295 19.39 -21.51 -1.97
N GLY A 296 19.76 -22.69 -2.45
CA GLY A 296 19.45 -23.05 -3.82
C GLY A 296 20.64 -23.37 -4.69
N ASN A 297 21.78 -23.67 -4.06
CA ASN A 297 22.93 -24.21 -4.78
C ASN A 297 23.21 -25.66 -4.46
N MET A 298 23.12 -26.06 -3.20
CA MET A 298 23.26 -27.45 -2.81
C MET A 298 21.97 -28.07 -2.30
N LEU A 299 20.98 -27.26 -1.94
CA LEU A 299 19.67 -27.73 -1.52
C LEU A 299 18.64 -27.64 -2.63
N LYS A 300 19.03 -27.20 -3.82
CA LYS A 300 18.05 -27.01 -4.88
C LYS A 300 17.55 -28.32 -5.49
N PRO A 301 18.38 -29.35 -5.75
CA PRO A 301 17.80 -30.67 -6.04
C PRO A 301 17.10 -31.28 -4.83
N ALA A 302 17.55 -30.98 -3.61
CA ALA A 302 16.87 -31.46 -2.42
C ALA A 302 15.53 -30.78 -2.20
N LEU A 303 15.28 -29.66 -2.86
CA LEU A 303 13.97 -29.02 -2.79
C LEU A 303 13.10 -29.38 -3.98
N ALA A 304 13.71 -29.66 -5.13
CA ALA A 304 12.97 -29.96 -6.34
C ALA A 304 12.56 -31.43 -6.42
N ARG A 305 13.29 -32.31 -5.72
CA ARG A 305 12.95 -33.72 -5.70
C ARG A 305 11.77 -34.05 -4.80
N GLY A 306 11.20 -33.06 -4.10
CA GLY A 306 10.11 -33.31 -3.18
C GLY A 306 10.58 -34.05 -1.95
N GLU A 307 11.74 -33.65 -1.41
CA GLU A 307 12.29 -34.38 -0.28
C GLU A 307 11.54 -34.04 0.99
N LEU A 308 11.71 -32.81 1.48
CA LEU A 308 11.01 -32.31 2.66
C LEU A 308 10.88 -30.80 2.56
N HIS A 309 10.08 -30.24 3.45
CA HIS A 309 9.64 -28.86 3.38
C HIS A 309 10.18 -28.07 4.57
N CYS A 310 10.57 -26.83 4.27
CA CYS A 310 11.37 -26.01 5.18
C CYS A 310 10.64 -24.72 5.50
N VAL A 311 11.12 -24.03 6.54
CA VAL A 311 10.52 -22.76 6.98
C VAL A 311 11.58 -21.69 6.76
N GLY A 312 11.42 -20.89 5.73
CA GLY A 312 12.38 -19.86 5.45
C GLY A 312 12.19 -18.63 6.31
N ALA A 313 13.20 -17.75 6.28
CA ALA A 313 13.14 -16.48 7.00
C ALA A 313 14.07 -15.49 6.33
N THR A 314 13.51 -14.53 5.63
CA THR A 314 14.26 -13.45 4.98
C THR A 314 13.72 -12.11 5.48
N THR A 315 14.26 -11.03 4.93
CA THR A 315 13.67 -9.71 5.01
C THR A 315 12.81 -9.52 3.76
N LEU A 316 12.31 -8.31 3.54
CA LEU A 316 11.54 -8.07 2.32
C LEU A 316 12.45 -7.76 1.14
N ASP A 317 13.52 -6.97 1.37
CA ASP A 317 14.44 -6.58 0.32
C ASP A 317 15.48 -7.64 0.00
N GLU A 318 15.83 -8.48 0.96
CA GLU A 318 16.71 -9.62 0.73
C GLU A 318 15.95 -10.81 0.18
N TYR A 319 14.62 -10.75 0.20
CA TYR A 319 13.79 -11.71 -0.53
C TYR A 319 13.79 -11.40 -2.02
N ARG A 320 13.71 -10.11 -2.38
CA ARG A 320 13.77 -9.70 -3.77
C ARG A 320 15.20 -9.49 -4.26
N GLN A 321 16.18 -9.90 -3.47
CA GLN A 321 17.57 -10.04 -3.88
C GLN A 321 17.84 -11.45 -4.40
N TYR A 322 17.25 -12.45 -3.78
CA TYR A 322 17.59 -13.85 -4.01
C TYR A 322 16.41 -14.73 -4.40
N ILE A 323 15.25 -14.55 -3.77
CA ILE A 323 14.26 -15.64 -3.68
C ILE A 323 13.05 -15.38 -4.58
N GLU A 324 12.98 -14.22 -5.26
CA GLU A 324 11.83 -14.03 -6.14
C GLU A 324 12.16 -13.70 -7.59
N LYS A 325 13.33 -13.16 -7.90
CA LYS A 325 13.71 -13.02 -9.30
C LYS A 325 14.33 -14.30 -9.85
N ASP A 326 14.40 -15.35 -9.03
CA ASP A 326 14.47 -16.72 -9.49
C ASP A 326 13.10 -17.13 -10.07
N ALA A 327 13.02 -18.32 -10.65
CA ALA A 327 11.75 -18.85 -11.13
C ALA A 327 11.42 -20.23 -10.59
N ALA A 328 12.40 -21.05 -10.27
CA ALA A 328 12.18 -22.40 -9.80
C ALA A 328 11.96 -22.49 -8.30
N LEU A 329 12.05 -21.38 -7.59
CA LEU A 329 12.02 -21.40 -6.13
C LEU A 329 10.69 -20.93 -5.56
N GLU A 330 9.96 -20.08 -6.27
CA GLU A 330 8.65 -19.62 -5.82
C GLU A 330 7.56 -20.62 -6.14
N ARG A 331 7.89 -21.72 -6.82
CA ARG A 331 6.98 -22.85 -6.92
C ARG A 331 6.82 -23.53 -5.55
N ARG A 332 7.78 -23.33 -4.65
CA ARG A 332 7.70 -23.82 -3.28
C ARG A 332 7.60 -22.72 -2.24
N PHE A 333 8.30 -21.61 -2.40
CA PHE A 333 8.22 -20.56 -1.40
C PHE A 333 7.09 -19.58 -1.72
N GLN A 334 6.62 -18.89 -0.70
CA GLN A 334 5.72 -17.76 -0.88
C GLN A 334 5.92 -16.76 0.24
N LYS A 335 5.82 -15.48 -0.10
CA LYS A 335 5.95 -14.39 0.85
C LYS A 335 4.91 -14.48 1.96
N VAL A 336 5.37 -14.68 3.19
CA VAL A 336 4.55 -14.56 4.38
C VAL A 336 5.01 -13.31 5.12
N PHE A 337 4.20 -12.27 5.07
CA PHE A 337 4.53 -11.02 5.74
C PHE A 337 3.84 -10.93 7.08
N VAL A 338 4.59 -10.53 8.11
CA VAL A 338 4.04 -10.26 9.43
C VAL A 338 3.99 -8.75 9.63
N ALA A 339 2.90 -8.25 10.23
CA ALA A 339 2.70 -6.82 10.37
C ALA A 339 3.24 -6.37 11.72
N GLU A 340 3.48 -5.06 11.84
CA GLU A 340 4.40 -4.52 12.85
C GLU A 340 3.80 -4.63 14.25
N PRO A 341 4.54 -5.19 15.23
CA PRO A 341 3.88 -5.68 16.45
C PRO A 341 3.61 -4.63 17.52
N SER A 342 3.00 -5.09 18.61
CA SER A 342 2.48 -4.23 19.65
C SER A 342 3.58 -3.85 20.65
N VAL A 343 3.16 -3.30 21.78
CA VAL A 343 4.06 -2.91 22.86
C VAL A 343 4.04 -4.06 23.85
N GLU A 344 3.06 -4.95 23.69
CA GLU A 344 2.88 -6.10 24.57
C GLU A 344 3.74 -7.29 24.16
N ASP A 345 4.69 -7.10 23.25
CA ASP A 345 5.60 -8.17 22.86
C ASP A 345 6.57 -8.50 24.00
N THR A 346 7.23 -7.48 24.56
CA THR A 346 8.11 -7.70 25.71
C THR A 346 7.38 -7.65 27.04
N ILE A 347 6.08 -7.35 27.04
CA ILE A 347 5.32 -7.40 28.29
C ILE A 347 5.23 -8.81 28.82
N ALA A 348 4.85 -9.75 27.95
CA ALA A 348 4.74 -11.15 28.32
C ALA A 348 6.07 -11.88 28.21
N ILE A 349 7.11 -11.24 27.67
CA ILE A 349 8.45 -11.79 27.80
C ILE A 349 8.88 -11.76 29.25
N LEU A 350 8.52 -10.71 29.99
CA LEU A 350 8.83 -10.61 31.41
C LEU A 350 7.69 -11.06 32.30
N ARG A 351 6.64 -11.67 31.74
CA ARG A 351 5.60 -12.27 32.57
C ARG A 351 5.98 -13.70 32.95
N GLY A 352 6.41 -14.49 31.98
CA GLY A 352 6.81 -15.85 32.23
C GLY A 352 8.20 -15.97 32.84
N LEU A 353 9.12 -15.07 32.45
CA LEU A 353 10.55 -15.23 32.74
C LEU A 353 10.93 -14.98 34.19
N LYS A 354 9.96 -14.68 35.07
CA LYS A 354 10.26 -14.65 36.50
C LYS A 354 10.41 -16.04 37.10
N GLU A 355 10.19 -17.09 36.29
CA GLU A 355 10.62 -18.45 36.61
C GLU A 355 12.12 -18.56 36.78
N ARG A 356 12.90 -17.67 36.16
CA ARG A 356 14.34 -17.69 36.16
C ARG A 356 14.93 -16.51 36.95
N TYR A 357 14.10 -15.54 37.32
CA TYR A 357 14.59 -14.29 37.87
C TYR A 357 14.38 -14.17 39.37
N GLU A 358 13.18 -14.45 39.87
CA GLU A 358 12.93 -14.16 41.28
C GLU A 358 13.22 -15.34 42.20
N LEU A 359 13.11 -16.57 41.70
CA LEU A 359 13.38 -17.74 42.54
C LEU A 359 14.87 -17.89 42.88
N HIS A 360 15.77 -17.25 42.14
CA HIS A 360 17.20 -17.36 42.42
C HIS A 360 17.92 -16.02 42.51
N HIS A 361 17.29 -14.92 42.09
CA HIS A 361 17.97 -13.62 42.11
C HIS A 361 17.10 -12.46 42.62
N HIS A 362 15.78 -12.65 42.72
CA HIS A 362 14.83 -11.69 43.26
C HIS A 362 14.86 -10.36 42.51
N VAL A 363 14.74 -10.46 41.18
CA VAL A 363 14.72 -9.32 40.28
C VAL A 363 13.27 -8.97 39.99
N GLN A 364 12.87 -7.75 40.32
CA GLN A 364 11.57 -7.24 39.91
C GLN A 364 11.79 -6.19 38.84
N ILE A 365 10.91 -6.16 37.84
CA ILE A 365 10.82 -5.07 36.88
C ILE A 365 9.37 -4.64 36.81
N THR A 366 9.11 -3.38 37.16
CA THR A 366 7.75 -2.89 37.33
C THR A 366 7.10 -2.56 35.99
N ASP A 367 5.78 -2.36 36.05
CA ASP A 367 4.92 -1.94 34.93
C ASP A 367 5.42 -0.71 34.17
N PRO A 368 5.85 0.40 34.79
CA PRO A 368 6.39 1.49 33.96
C PRO A 368 7.82 1.28 33.48
N ALA A 369 8.41 0.10 33.71
CA ALA A 369 9.76 -0.20 33.26
C ALA A 369 9.81 -1.18 32.09
N ILE A 370 8.72 -1.90 31.81
CA ILE A 370 8.66 -2.69 30.59
C ILE A 370 8.21 -1.83 29.42
N VAL A 371 7.25 -0.94 29.67
CA VAL A 371 6.69 -0.08 28.64
C VAL A 371 7.69 1.02 28.27
N ALA A 372 8.62 1.35 29.17
CA ALA A 372 9.57 2.44 29.00
C ALA A 372 10.58 2.18 27.88
N ALA A 373 11.00 0.94 27.69
CA ALA A 373 11.96 0.60 26.64
C ALA A 373 11.28 0.15 25.36
N ALA A 374 9.98 0.30 25.28
CA ALA A 374 9.18 -0.18 24.15
C ALA A 374 8.37 0.92 23.49
N THR A 375 8.18 2.06 24.16
CA THR A 375 7.41 3.16 23.57
C THR A 375 8.24 3.98 22.59
N LEU A 376 9.46 3.54 22.29
CA LEU A 376 10.41 4.32 21.50
C LEU A 376 10.13 4.31 19.99
N SER A 377 8.98 3.84 19.50
CA SER A 377 8.78 3.71 18.06
C SER A 377 7.93 4.80 17.42
N HIS A 378 6.69 5.02 17.88
CA HIS A 378 5.80 5.93 17.16
C HIS A 378 6.08 7.39 17.51
N ARG A 379 6.85 7.64 18.57
CA ARG A 379 7.13 9.00 19.02
C ARG A 379 8.62 9.32 19.03
N TYR A 380 9.45 8.40 19.49
CA TYR A 380 10.86 8.70 19.71
C TYR A 380 11.69 8.58 18.44
N ILE A 381 11.87 7.36 17.92
CA ILE A 381 12.60 7.10 16.69
C ILE A 381 11.86 6.05 15.88
N ALA A 382 11.59 6.35 14.59
CA ALA A 382 10.76 5.48 13.77
C ALA A 382 11.51 4.90 12.56
N ASP A 383 12.84 4.89 12.57
CA ASP A 383 13.57 4.21 11.50
C ASP A 383 13.82 2.73 11.81
N ARG A 384 13.70 2.33 13.07
CA ARG A 384 14.09 1.00 13.52
C ARG A 384 12.85 0.26 14.02
N GLN A 385 12.93 -1.07 14.02
CA GLN A 385 11.86 -1.91 14.52
C GLN A 385 11.73 -1.81 16.04
N LEU A 386 10.56 -2.21 16.53
CA LEU A 386 10.33 -2.15 17.99
C LEU A 386 11.01 -3.29 18.75
N PRO A 387 10.72 -4.59 18.50
CA PRO A 387 11.09 -5.60 19.51
C PRO A 387 12.57 -5.94 19.56
N ASP A 388 13.35 -5.60 18.53
CA ASP A 388 14.80 -5.69 18.67
C ASP A 388 15.32 -4.63 19.64
N LYS A 389 14.65 -3.49 19.70
CA LYS A 389 14.96 -2.41 20.62
C LYS A 389 14.27 -2.57 21.96
N ALA A 390 13.55 -3.66 22.18
CA ALA A 390 12.83 -3.88 23.43
C ALA A 390 13.47 -4.95 24.31
N ILE A 391 13.90 -6.06 23.72
CA ILE A 391 14.48 -7.14 24.52
C ILE A 391 15.92 -6.82 24.91
N ASP A 392 16.60 -5.94 24.18
CA ASP A 392 17.99 -5.63 24.48
C ASP A 392 18.09 -4.51 25.51
N LEU A 393 17.13 -3.57 25.51
CA LEU A 393 17.16 -2.45 26.42
C LEU A 393 16.47 -2.76 27.74
N ILE A 394 15.99 -3.99 27.92
CA ILE A 394 15.57 -4.44 29.24
C ILE A 394 16.68 -5.24 29.90
N ASP A 395 17.38 -6.07 29.12
CA ASP A 395 18.43 -6.92 29.68
C ASP A 395 19.64 -6.12 30.14
N GLU A 396 19.89 -4.97 29.50
CA GLU A 396 20.94 -4.07 29.97
C GLU A 396 20.51 -3.26 31.18
N ALA A 397 19.23 -2.89 31.27
CA ALA A 397 18.73 -2.22 32.46
C ALA A 397 18.55 -3.18 33.63
N ALA A 398 18.35 -4.47 33.37
CA ALA A 398 18.24 -5.46 34.44
C ALA A 398 19.59 -5.95 34.93
N SER A 399 20.68 -5.63 34.22
CA SER A 399 22.04 -5.99 34.62
C SER A 399 22.64 -5.00 35.61
N SER A 400 21.80 -4.24 36.33
CA SER A 400 22.28 -3.15 37.16
C SER A 400 22.92 -3.63 38.45
N ILE A 401 22.34 -4.66 39.09
CA ILE A 401 22.65 -4.93 40.50
C ILE A 401 24.01 -5.63 40.69
N ARG A 402 24.27 -6.73 39.98
CA ARG A 402 25.46 -7.54 40.27
C ARG A 402 26.77 -6.92 39.78
N MET A 403 26.74 -5.90 38.94
CA MET A 403 28.02 -5.35 38.53
C MET A 403 28.28 -3.95 39.08
N GLN A 404 27.23 -3.14 39.30
CA GLN A 404 27.44 -1.88 40.01
C GLN A 404 27.68 -2.09 41.50
N ILE A 405 27.47 -3.30 42.04
CA ILE A 405 27.92 -3.59 43.39
C ILE A 405 29.41 -3.93 43.40
N ASP A 406 29.97 -4.27 42.24
CA ASP A 406 31.39 -4.59 42.12
C ASP A 406 32.18 -3.49 41.42
N SER A 407 31.75 -2.23 41.60
CA SER A 407 32.50 -1.05 41.13
C SER A 407 33.07 -0.42 42.40
N LYS A 408 34.36 -0.68 42.61
CA LYS A 408 35.06 -0.42 43.87
C LYS A 408 35.10 1.04 44.30
N ARG A 525 18.15 3.11 50.71
CA ARG A 525 19.23 4.09 50.75
C ARG A 525 20.42 3.63 49.91
N LEU A 526 20.57 2.31 49.77
CA LEU A 526 21.73 1.75 49.06
C LEU A 526 21.44 1.61 47.57
N LEU A 527 20.18 1.37 47.23
CA LEU A 527 19.74 1.08 45.86
C LEU A 527 18.23 1.24 45.83
N ARG A 528 17.73 1.86 44.77
CA ARG A 528 16.29 1.92 44.58
C ARG A 528 15.77 0.57 44.13
N ASN A 529 15.19 -0.17 45.07
CA ASN A 529 14.54 -1.44 44.76
C ASN A 529 13.18 -1.25 44.11
N LYS A 530 12.63 -0.05 44.18
CA LYS A 530 11.38 0.33 43.53
C LYS A 530 11.74 0.71 42.10
N VAL A 531 11.30 -0.08 41.14
CA VAL A 531 11.77 0.04 39.77
C VAL A 531 10.97 1.12 39.04
N THR A 532 11.68 2.12 38.55
CA THR A 532 11.14 3.36 37.98
C THR A 532 11.66 3.47 36.53
N ASP A 533 11.54 4.65 35.94
CA ASP A 533 12.04 4.96 34.60
C ASP A 533 13.57 5.13 34.56
N ALA A 534 14.25 4.95 35.70
CA ALA A 534 15.65 5.34 35.82
C ALA A 534 16.59 4.31 35.21
N GLU A 535 16.21 3.03 35.22
CA GLU A 535 17.12 1.98 34.77
C GLU A 535 17.28 2.00 33.26
N ILE A 536 16.20 2.29 32.53
CA ILE A 536 16.27 2.34 31.07
C ILE A 536 16.94 3.64 30.63
N ALA A 537 16.76 4.72 31.39
CA ALA A 537 17.26 6.04 30.98
C ALA A 537 18.79 6.10 31.00
N GLU A 538 19.43 5.39 31.92
CA GLU A 538 20.88 5.24 31.87
C GLU A 538 21.32 4.46 30.64
N VAL A 539 20.49 3.53 30.19
CA VAL A 539 20.82 2.70 29.03
C VAL A 539 20.44 3.43 27.74
N LEU A 540 19.27 4.07 27.71
CA LEU A 540 18.77 4.64 26.46
C LEU A 540 19.45 5.95 26.12
N ALA A 541 19.59 6.84 27.11
CA ALA A 541 20.04 8.20 26.85
C ALA A 541 21.55 8.35 26.89
N ARG A 542 22.30 7.28 26.64
CA ARG A 542 23.76 7.37 26.57
C ARG A 542 24.25 7.67 25.15
N TRP A 543 23.35 7.99 24.22
CA TRP A 543 23.74 8.57 22.95
C TRP A 543 22.92 9.79 22.55
N THR A 544 22.02 10.28 23.40
CA THR A 544 21.22 11.46 23.09
C THR A 544 21.57 12.66 23.97
N GLY A 545 21.43 12.52 25.28
CA GLY A 545 21.61 13.63 26.21
C GLY A 545 20.33 14.20 26.75
N ILE A 546 19.17 13.68 26.36
CA ILE A 546 17.91 14.19 26.90
C ILE A 546 17.43 13.25 27.99
N PRO A 547 17.11 13.75 29.20
CA PRO A 547 16.68 12.87 30.29
C PRO A 547 15.24 12.37 30.18
N VAL A 548 14.78 11.77 31.29
CA VAL A 548 13.43 11.24 31.44
C VAL A 548 12.35 12.27 31.15
N SER A 549 12.59 13.54 31.53
CA SER A 549 11.62 14.60 31.80
C SER A 549 10.61 14.85 30.67
N ARG A 550 10.92 14.48 29.42
CA ARG A 550 9.99 14.69 28.32
C ARG A 550 9.83 13.44 27.46
N MET A 551 10.14 12.25 27.99
CA MET A 551 10.00 11.01 27.24
C MET A 551 8.71 10.25 27.56
N MET A 552 8.00 10.65 28.61
CA MET A 552 6.74 10.05 29.03
C MET A 552 5.70 11.12 29.23
N GLU A 553 5.50 11.98 28.22
CA GLU A 553 4.52 13.06 28.23
C GLU A 553 3.12 12.53 28.55
N SER A 554 2.60 12.92 29.70
CA SER A 554 1.48 12.24 30.33
C SER A 554 0.41 13.23 30.71
N GLU A 555 -0.50 12.78 31.58
CA GLU A 555 -1.64 13.58 32.02
C GLU A 555 -1.23 14.83 32.80
N ARG A 556 -0.28 14.71 33.72
CA ARG A 556 0.11 15.86 34.53
C ARG A 556 1.34 16.54 33.94
N GLU A 557 1.98 15.91 32.95
CA GLU A 557 3.22 16.45 32.39
C GLU A 557 2.96 17.65 31.49
N LYS A 558 1.70 17.97 31.19
CA LYS A 558 1.41 19.08 30.29
C LYS A 558 1.48 20.45 30.96
N LEU A 559 1.87 20.52 32.23
CA LEU A 559 2.36 21.80 32.75
C LEU A 559 3.86 21.93 32.53
N LEU A 560 4.56 20.80 32.39
CA LEU A 560 6.00 20.77 32.21
C LEU A 560 6.41 20.94 30.75
N ARG A 561 5.51 20.66 29.81
CA ARG A 561 5.83 20.71 28.39
C ARG A 561 5.32 22.01 27.78
N MET A 562 5.30 23.07 28.59
CA MET A 562 4.89 24.39 28.14
C MET A 562 6.10 25.32 28.08
N GLU A 563 7.11 25.03 28.90
CA GLU A 563 8.21 25.95 29.20
C GLU A 563 9.56 25.24 29.04
N GLN A 564 9.75 24.54 27.92
CA GLN A 564 11.04 23.87 27.73
C GLN A 564 11.95 24.46 26.67
N GLU A 565 11.56 24.50 25.40
CA GLU A 565 12.46 24.94 24.32
C GLU A 565 11.81 25.99 23.43
N LEU A 566 10.48 26.06 23.41
CA LEU A 566 9.79 27.06 22.58
C LEU A 566 9.99 28.46 23.14
N HIS A 567 10.08 28.61 24.45
CA HIS A 567 10.09 29.90 25.11
C HIS A 567 11.42 30.26 25.74
N HIS A 568 12.53 29.68 25.27
CA HIS A 568 13.86 30.10 25.67
C HIS A 568 14.66 30.67 24.52
N ARG A 569 14.47 30.16 23.29
CA ARG A 569 15.03 30.81 22.11
C ARG A 569 14.32 32.13 21.85
N VAL A 570 12.99 32.13 21.95
CA VAL A 570 12.21 33.35 21.81
C VAL A 570 11.10 33.36 22.86
N ILE A 571 11.05 34.45 23.64
CA ILE A 571 9.93 34.70 24.54
C ILE A 571 8.81 35.34 23.72
N GLY A 572 7.85 34.52 23.33
CA GLY A 572 6.84 34.90 22.37
C GLY A 572 6.40 33.68 21.59
N GLN A 573 5.87 33.93 20.40
CA GLN A 573 5.31 32.94 19.48
C GLN A 573 4.24 32.08 20.19
N ASN A 574 3.34 32.79 20.84
CA ASN A 574 2.27 32.21 21.64
C ASN A 574 0.90 32.34 21.01
N GLU A 575 0.84 32.54 19.68
CA GLU A 575 -0.42 32.42 18.98
C GLU A 575 -0.69 30.97 18.59
N ALA A 576 0.37 30.21 18.34
CA ALA A 576 0.26 28.82 17.93
C ALA A 576 0.31 27.85 19.10
N VAL A 577 0.35 28.33 20.34
CA VAL A 577 0.32 27.44 21.50
C VAL A 577 -1.09 26.91 21.77
N ASP A 578 -2.11 27.45 21.12
CA ASP A 578 -3.48 26.96 21.27
C ASP A 578 -3.68 25.57 20.72
N ALA A 579 -2.89 25.14 19.74
CA ALA A 579 -3.07 23.83 19.14
C ALA A 579 -2.60 22.70 20.04
N VAL A 580 -1.83 23.01 21.08
CA VAL A 580 -1.36 22.03 22.04
C VAL A 580 -2.04 22.21 23.39
N SER A 581 -3.03 23.10 23.48
CA SER A 581 -3.71 23.38 24.74
C SER A 581 -5.19 22.98 24.77
N ASN A 582 -6.00 23.45 23.81
CA ASN A 582 -7.43 23.16 23.83
C ASN A 582 -7.84 22.20 22.74
N ALA A 583 -7.09 22.16 21.64
CA ALA A 583 -7.32 21.22 20.55
C ALA A 583 -6.41 20.00 20.65
N ILE A 584 -5.96 19.66 21.85
CA ILE A 584 -5.10 18.49 22.04
C ILE A 584 -5.77 17.40 22.88
N ARG A 585 -6.89 17.70 23.54
CA ARG A 585 -7.55 16.76 24.44
C ARG A 585 -8.17 15.58 23.71
N ARG A 586 -8.66 15.78 22.49
CA ARG A 586 -9.30 14.71 21.73
C ARG A 586 -8.39 14.10 20.68
N SER A 587 -7.07 14.13 20.88
CA SER A 587 -6.16 13.59 19.87
C SER A 587 -5.15 12.61 20.43
N ARG A 588 -4.65 12.83 21.65
CA ARG A 588 -3.54 12.09 22.20
C ARG A 588 -3.95 11.15 23.34
N ALA A 589 -5.25 10.97 23.52
CA ALA A 589 -5.74 10.05 24.56
C ALA A 589 -6.45 8.85 23.94
N GLY A 590 -5.99 8.41 22.76
CA GLY A 590 -6.72 7.41 22.03
C GLY A 590 -7.99 7.91 21.41
N LEU A 591 -8.04 9.20 21.05
CA LEU A 591 -9.25 9.83 20.56
C LEU A 591 -9.09 10.44 19.17
N ALA A 592 -7.98 10.16 18.49
CA ALA A 592 -7.70 10.76 17.18
C ALA A 592 -8.52 10.04 16.12
N ASP A 593 -9.58 10.69 15.66
CA ASP A 593 -10.35 10.21 14.51
C ASP A 593 -9.84 10.91 13.26
N PRO A 594 -9.21 10.20 12.32
CA PRO A 594 -8.51 10.89 11.22
C PRO A 594 -9.43 11.44 10.15
N ASN A 595 -10.69 11.02 10.08
CA ASN A 595 -11.51 11.28 8.90
C ASN A 595 -12.45 12.46 9.11
N ARG A 596 -12.06 13.34 10.04
CA ARG A 596 -12.66 14.66 10.20
C ARG A 596 -11.68 15.51 10.98
N PRO A 597 -11.40 16.76 10.53
CA PRO A 597 -10.38 17.59 11.18
C PRO A 597 -10.73 18.01 12.60
N ILE A 598 -9.92 17.56 13.56
CA ILE A 598 -10.08 17.92 14.96
C ILE A 598 -8.85 18.66 15.50
N GLY A 599 -7.65 18.23 15.09
CA GLY A 599 -6.44 18.96 15.43
C GLY A 599 -6.05 20.01 14.43
N SER A 600 -6.78 20.10 13.32
CA SER A 600 -6.52 21.10 12.28
C SER A 600 -6.99 22.47 12.77
N PHE A 601 -6.10 23.13 13.48
CA PHE A 601 -6.30 24.52 13.87
C PHE A 601 -5.75 25.40 12.76
N LEU A 602 -6.61 26.29 12.25
CA LEU A 602 -6.27 27.14 11.13
C LEU A 602 -5.49 28.36 11.62
N PHE A 603 -4.41 28.69 10.92
CA PHE A 603 -3.49 29.74 11.33
C PHE A 603 -3.10 30.52 10.09
N LEU A 604 -3.32 31.83 10.11
CA LEU A 604 -3.09 32.68 8.95
C LEU A 604 -1.95 33.65 9.20
N GLY A 605 -1.72 34.52 8.21
CA GLY A 605 -0.70 35.52 8.30
C GLY A 605 -0.11 35.84 6.93
N PRO A 606 0.99 36.60 6.90
CA PRO A 606 1.75 36.74 5.66
C PRO A 606 2.80 35.65 5.50
N THR A 607 3.60 35.72 4.44
CA THR A 607 4.62 34.72 4.16
C THR A 607 6.02 35.30 4.30
N GLY A 608 6.97 34.42 4.60
CA GLY A 608 8.33 34.82 4.89
C GLY A 608 8.46 35.65 6.15
N VAL A 609 7.51 35.53 7.07
CA VAL A 609 7.38 36.46 8.19
C VAL A 609 7.39 35.74 9.53
N GLY A 610 7.54 34.42 9.55
CA GLY A 610 7.48 33.68 10.79
C GLY A 610 6.81 32.32 10.63
N LYS A 611 6.37 32.00 9.42
CA LYS A 611 5.76 30.70 9.17
C LYS A 611 6.80 29.59 9.23
N THR A 612 7.88 29.75 8.47
CA THR A 612 8.82 28.64 8.26
C THR A 612 9.66 28.39 9.51
N GLU A 613 9.79 29.38 10.38
CA GLU A 613 10.53 29.15 11.61
C GLU A 613 9.69 28.35 12.61
N LEU A 614 8.39 28.65 12.69
CA LEU A 614 7.53 27.97 13.65
C LEU A 614 7.21 26.56 13.21
N CYS A 615 7.16 26.32 11.89
CA CYS A 615 7.03 24.96 11.39
C CYS A 615 8.31 24.16 11.63
N LYS A 616 9.43 24.85 11.81
CA LYS A 616 10.63 24.21 12.32
C LYS A 616 10.72 24.22 13.84
N ALA A 617 10.27 25.30 14.49
CA ALA A 617 10.37 25.37 15.95
C ALA A 617 9.32 24.54 16.66
N LEU A 618 8.18 24.26 16.01
CA LEU A 618 7.27 23.27 16.58
C LEU A 618 7.80 21.87 16.32
N ALA A 619 8.49 21.68 15.19
CA ALA A 619 9.22 20.44 14.99
C ALA A 619 10.44 20.36 15.89
N ASN A 620 11.03 21.51 16.22
CA ASN A 620 12.09 21.51 17.23
C ASN A 620 11.55 21.27 18.62
N PHE A 621 10.31 21.68 18.89
CA PHE A 621 9.66 21.38 20.15
C PHE A 621 9.23 19.92 20.26
N MET A 622 9.05 19.24 19.14
CA MET A 622 8.68 17.84 19.13
C MET A 622 9.84 16.89 18.84
N PHE A 623 10.55 17.08 17.72
CA PHE A 623 11.46 16.08 17.19
C PHE A 623 12.89 16.21 17.71
N ASP A 624 13.14 17.18 18.60
CA ASP A 624 14.44 17.50 19.20
C ASP A 624 15.52 17.87 18.17
N SER A 625 15.12 18.20 16.94
CA SER A 625 16.05 18.51 15.86
C SER A 625 15.30 19.27 14.77
N ASP A 626 15.94 19.39 13.60
CA ASP A 626 15.47 20.22 12.48
C ASP A 626 15.35 19.33 11.25
N GLU A 627 14.12 19.00 10.85
CA GLU A 627 13.89 18.25 9.64
C GLU A 627 12.68 18.70 8.83
N ALA A 628 11.87 19.64 9.34
CA ALA A 628 10.64 20.06 8.68
C ALA A 628 10.94 21.13 7.63
N MET A 629 10.95 20.73 6.37
CA MET A 629 11.24 21.61 5.24
C MET A 629 10.06 21.54 4.28
N VAL A 630 9.06 22.40 4.50
CA VAL A 630 7.84 22.43 3.69
C VAL A 630 7.53 23.88 3.34
N ARG A 631 7.36 24.17 2.05
CA ARG A 631 6.78 25.44 1.61
C ARG A 631 6.03 25.21 0.30
N ILE A 632 4.78 25.66 0.26
CA ILE A 632 3.93 25.53 -0.92
C ILE A 632 3.38 26.91 -1.26
N ASP A 633 3.63 27.36 -2.48
CA ASP A 633 3.07 28.61 -2.99
C ASP A 633 2.65 28.40 -4.43
N MET A 634 1.61 29.15 -4.83
CA MET A 634 1.01 29.03 -6.16
C MET A 634 1.17 30.35 -6.91
N SER A 635 2.38 30.91 -6.87
CA SER A 635 2.57 32.31 -7.23
C SER A 635 2.93 32.51 -8.70
N GLU A 636 4.09 32.00 -9.13
CA GLU A 636 4.70 32.42 -10.39
C GLU A 636 5.07 31.22 -11.26
N PHE A 637 4.11 30.35 -11.51
CA PHE A 637 4.28 29.26 -12.47
C PHE A 637 2.97 29.01 -13.21
N MET A 638 3.04 29.02 -14.54
CA MET A 638 1.86 29.04 -15.39
C MET A 638 1.64 27.75 -16.19
N GLU A 639 2.45 26.72 -15.98
CA GLU A 639 2.39 25.55 -16.85
C GLU A 639 1.22 24.64 -16.49
N LYS A 640 1.16 23.50 -17.16
CA LYS A 640 0.11 22.51 -16.94
C LYS A 640 0.54 21.49 -15.90
N HIS A 641 1.53 21.86 -15.09
CA HIS A 641 2.05 21.02 -14.02
C HIS A 641 1.39 21.29 -12.69
N SER A 642 0.33 22.11 -12.65
CA SER A 642 -0.40 22.34 -11.41
C SER A 642 -1.42 21.26 -11.12
N VAL A 643 -1.54 20.26 -12.00
CA VAL A 643 -2.40 19.11 -11.75
C VAL A 643 -1.76 18.12 -10.78
N SER A 644 -0.42 18.08 -10.71
CA SER A 644 0.25 17.09 -9.88
C SER A 644 0.59 17.62 -8.49
N ARG A 645 0.43 18.91 -8.30
CA ARG A 645 0.74 19.55 -7.02
C ARG A 645 -0.45 19.54 -6.06
N LEU A 646 -1.61 19.10 -6.57
CA LEU A 646 -2.81 19.04 -5.75
C LEU A 646 -2.69 17.98 -4.66
N VAL A 647 -2.84 16.72 -5.06
CA VAL A 647 -2.73 15.60 -4.13
C VAL A 647 -2.25 14.36 -4.87
N GLY A 648 -1.59 14.58 -6.00
CA GLY A 648 -1.08 13.48 -6.81
C GLY A 648 -1.52 13.54 -8.26
N ALA A 649 -0.85 12.77 -9.11
CA ALA A 649 -1.14 12.80 -10.53
C ALA A 649 -1.92 11.58 -10.97
N PRO A 650 -3.13 11.75 -11.51
CA PRO A 650 -3.74 10.69 -12.34
C PRO A 650 -3.04 10.61 -13.69
N PRO A 651 -3.11 9.45 -14.38
CA PRO A 651 -2.23 9.23 -15.55
C PRO A 651 -2.42 10.20 -16.71
N GLY A 652 -1.37 10.29 -17.54
CA GLY A 652 -1.32 11.25 -18.63
C GLY A 652 -0.43 12.46 -18.38
N TYR A 653 0.79 12.24 -17.88
CA TYR A 653 1.63 13.32 -17.35
C TYR A 653 3.10 13.00 -17.62
N VAL A 654 3.98 13.75 -16.95
CA VAL A 654 5.41 13.46 -16.87
C VAL A 654 5.89 13.65 -15.43
N GLY A 655 6.72 12.72 -14.95
CA GLY A 655 7.44 12.92 -13.70
C GLY A 655 6.77 12.54 -12.40
N TYR A 656 6.42 11.26 -12.19
CA TYR A 656 5.72 10.87 -10.97
C TYR A 656 6.66 10.76 -9.77
N GLU A 657 7.98 10.68 -9.99
CA GLU A 657 8.91 10.44 -8.90
C GLU A 657 8.97 11.62 -7.92
N GLU A 658 9.01 12.84 -8.46
CA GLU A 658 8.81 14.02 -7.61
C GLU A 658 7.35 14.48 -7.68
N GLY A 659 6.91 14.86 -8.87
CA GLY A 659 5.56 15.35 -9.07
C GLY A 659 5.28 16.67 -8.39
N GLY A 660 4.42 16.65 -7.36
CA GLY A 660 4.26 17.78 -6.47
C GLY A 660 5.12 17.59 -5.24
N TYR A 661 5.08 18.57 -4.33
CA TYR A 661 5.87 18.40 -3.12
C TYR A 661 5.24 17.42 -2.15
N LEU A 662 3.91 17.43 -2.03
CA LEU A 662 3.21 16.60 -1.08
C LEU A 662 3.06 15.15 -1.56
N THR A 663 3.36 14.89 -2.84
CA THR A 663 3.41 13.52 -3.35
C THR A 663 4.56 12.75 -2.71
N GLU A 664 5.65 13.45 -2.38
CA GLU A 664 6.89 12.86 -1.90
C GLU A 664 7.05 13.01 -0.38
N ALA A 665 6.25 13.88 0.23
CA ALA A 665 6.44 14.24 1.63
C ALA A 665 5.83 13.24 2.60
N VAL A 666 5.27 12.13 2.12
CA VAL A 666 4.78 11.07 3.01
C VAL A 666 5.62 9.82 2.76
N ARG A 667 6.16 9.68 1.54
CA ARG A 667 7.00 8.55 1.19
C ARG A 667 8.44 8.75 1.65
N ARG A 668 8.88 9.99 1.82
CA ARG A 668 10.13 10.29 2.50
C ARG A 668 10.11 9.78 3.93
N ARG A 669 9.23 10.37 4.73
CA ARG A 669 8.97 10.12 6.14
C ARG A 669 7.65 10.81 6.44
N PRO A 670 6.84 10.28 7.38
CA PRO A 670 5.48 10.81 7.55
C PRO A 670 5.39 12.10 8.36
N TYR A 671 6.49 12.83 8.50
CA TYR A 671 6.53 14.04 9.32
C TYR A 671 6.77 15.25 8.43
N SER A 672 5.71 16.05 8.25
CA SER A 672 5.78 17.29 7.48
C SER A 672 4.61 18.19 7.89
N VAL A 673 4.82 19.50 7.80
CA VAL A 673 3.87 20.49 8.28
C VAL A 673 3.47 21.34 7.08
N ILE A 674 2.27 21.12 6.56
CA ILE A 674 1.91 21.55 5.20
C ILE A 674 1.46 23.02 5.20
N LEU A 675 2.05 23.78 4.28
CA LEU A 675 1.74 25.19 4.06
C LEU A 675 0.85 25.33 2.83
N LEU A 676 0.15 26.47 2.75
CA LEU A 676 -0.65 26.81 1.57
C LEU A 676 -0.60 28.33 1.38
N ASP A 677 0.02 28.76 0.28
CA ASP A 677 0.21 30.17 0.01
C ASP A 677 -0.18 30.52 -1.42
N GLU A 678 -0.80 31.71 -1.57
CA GLU A 678 -0.91 32.48 -2.82
C GLU A 678 -1.72 31.71 -3.87
N VAL A 679 -2.82 31.11 -3.39
CA VAL A 679 -3.69 30.30 -4.23
C VAL A 679 -4.76 31.14 -4.92
N GLU A 680 -4.74 32.47 -4.72
CA GLU A 680 -5.88 33.34 -5.01
C GLU A 680 -5.75 34.05 -6.37
N LYS A 681 -4.79 33.68 -7.21
CA LYS A 681 -4.41 34.58 -8.30
C LYS A 681 -4.77 34.05 -9.69
N ALA A 682 -4.82 32.74 -9.88
CA ALA A 682 -4.97 32.17 -11.22
C ALA A 682 -6.42 32.28 -11.69
N HIS A 683 -6.67 31.89 -12.95
CA HIS A 683 -7.99 32.07 -13.54
C HIS A 683 -8.97 31.06 -12.95
N PRO A 684 -10.26 31.43 -12.82
CA PRO A 684 -11.16 30.73 -11.88
C PRO A 684 -11.58 29.30 -12.24
N ASP A 685 -10.99 28.70 -13.27
CA ASP A 685 -11.22 27.27 -13.54
C ASP A 685 -10.50 26.41 -12.52
N VAL A 686 -9.52 26.98 -11.81
CA VAL A 686 -8.67 26.19 -10.94
C VAL A 686 -9.09 26.34 -9.48
N PHE A 687 -10.18 27.07 -9.21
CA PHE A 687 -10.48 27.50 -7.85
C PHE A 687 -10.93 26.39 -6.91
N ASN A 688 -11.93 25.59 -7.28
CA ASN A 688 -12.67 24.84 -6.28
C ASN A 688 -12.09 23.46 -5.97
N ILE A 689 -10.82 23.22 -6.30
CA ILE A 689 -10.26 21.91 -6.02
C ILE A 689 -9.72 21.81 -4.60
N LEU A 690 -9.85 22.87 -3.80
CA LEU A 690 -9.44 22.82 -2.39
C LEU A 690 -10.52 22.25 -1.50
N LEU A 691 -11.67 21.87 -2.06
CA LEU A 691 -12.80 21.42 -1.25
C LEU A 691 -12.76 19.92 -1.01
N GLN A 692 -11.99 19.19 -1.83
CA GLN A 692 -12.11 17.73 -1.90
C GLN A 692 -11.36 17.00 -0.78
N VAL A 693 -10.30 17.59 -0.23
CA VAL A 693 -9.47 16.84 0.72
C VAL A 693 -9.94 17.02 2.16
N LEU A 694 -10.53 18.16 2.48
CA LEU A 694 -10.82 18.52 3.86
C LEU A 694 -12.05 17.82 4.43
N ASP A 695 -12.77 17.04 3.62
CA ASP A 695 -14.01 16.40 4.02
C ASP A 695 -13.81 14.87 4.07
N ASP A 696 -14.88 14.17 4.43
CA ASP A 696 -14.87 12.74 4.66
C ASP A 696 -15.30 11.93 3.43
N GLY A 697 -14.95 12.38 2.22
CA GLY A 697 -15.41 11.70 1.02
C GLY A 697 -14.55 10.52 0.62
N ARG A 698 -13.26 10.77 0.39
CA ARG A 698 -12.31 9.71 0.07
C ARG A 698 -10.95 10.16 0.59
N LEU A 699 -10.14 9.23 1.08
CA LEU A 699 -8.96 9.55 1.86
C LEU A 699 -7.78 10.00 1.00
N THR A 700 -7.83 9.70 -0.30
CA THR A 700 -6.97 10.29 -1.35
C THR A 700 -5.49 9.97 -1.12
N ASP A 701 -5.18 8.68 -1.25
CA ASP A 701 -3.81 8.25 -1.40
C ASP A 701 -3.51 7.98 -2.88
N GLY A 702 -2.29 7.54 -3.16
CA GLY A 702 -1.86 7.47 -4.55
C GLY A 702 -1.63 6.09 -5.15
N GLN A 703 -1.05 5.15 -4.39
CA GLN A 703 -0.85 3.79 -4.90
C GLN A 703 -1.23 2.70 -3.91
N GLY A 704 -1.87 3.03 -2.80
CA GLY A 704 -2.37 2.03 -1.87
C GLY A 704 -1.84 2.08 -0.46
N ARG A 705 -0.90 2.96 -0.15
CA ARG A 705 -0.46 3.11 1.23
C ARG A 705 -0.79 4.52 1.73
N THR A 706 -0.86 4.68 3.06
CA THR A 706 -1.62 5.73 3.69
C THR A 706 -0.90 7.08 3.64
N VAL A 707 -1.68 8.13 3.86
CA VAL A 707 -1.20 9.50 3.97
C VAL A 707 -1.69 10.08 5.29
N ASP A 708 -1.14 11.25 5.64
CA ASP A 708 -1.22 11.78 7.00
C ASP A 708 -2.48 12.61 7.20
N PHE A 709 -3.27 12.22 8.21
CA PHE A 709 -4.55 12.86 8.50
C PHE A 709 -4.70 13.30 9.95
N ARG A 710 -3.70 13.05 10.81
CA ARG A 710 -3.87 13.19 12.26
C ARG A 710 -2.98 14.22 12.94
N ASN A 711 -1.72 14.38 12.53
CA ASN A 711 -0.73 15.12 13.29
C ASN A 711 -0.12 16.25 12.47
N THR A 712 -0.98 17.05 11.83
CA THR A 712 -0.53 18.13 10.98
C THR A 712 -1.34 19.39 11.28
N VAL A 713 -0.63 20.47 11.58
CA VAL A 713 -1.22 21.81 11.64
C VAL A 713 -0.97 22.52 10.32
N VAL A 714 -2.04 23.00 9.70
CA VAL A 714 -1.95 23.68 8.42
C VAL A 714 -1.96 25.19 8.68
N ILE A 715 -0.82 25.82 8.41
CA ILE A 715 -0.71 27.28 8.40
C ILE A 715 -0.87 27.72 6.96
N MET A 716 -1.86 28.56 6.69
CA MET A 716 -1.98 29.13 5.36
C MET A 716 -1.72 30.64 5.40
N THR A 717 -1.74 31.26 4.23
CA THR A 717 -1.27 32.64 4.09
C THR A 717 -2.35 33.45 3.39
N SER A 718 -2.71 34.59 3.98
CA SER A 718 -3.67 35.48 3.34
C SER A 718 -2.92 36.73 2.89
N ASN A 719 -2.82 36.92 1.58
CA ASN A 719 -2.16 38.09 1.03
C ASN A 719 -3.21 38.89 0.27
N LEU A 720 -4.35 39.12 0.91
CA LEU A 720 -5.34 40.08 0.45
C LEU A 720 -4.97 41.41 1.09
N GLY A 721 -5.89 42.36 1.21
CA GLY A 721 -5.55 43.70 1.67
C GLY A 721 -5.15 43.83 3.13
N SER A 722 -4.13 43.08 3.51
CA SER A 722 -3.41 43.23 4.77
C SER A 722 -1.96 43.64 4.49
N ASP A 723 -1.76 44.29 3.34
CA ASP A 723 -0.45 44.74 2.88
C ASP A 723 -0.22 46.22 3.14
N LEU A 724 -1.29 47.03 3.21
CA LEU A 724 -1.16 48.42 3.62
C LEU A 724 -1.19 48.55 5.13
N ILE A 725 -1.61 47.49 5.83
CA ILE A 725 -1.83 47.58 7.27
C ILE A 725 -0.52 47.33 8.02
N GLN A 726 0.55 47.01 7.30
CA GLN A 726 1.82 46.64 7.93
C GLN A 726 2.64 47.86 8.35
N GLU A 727 2.13 49.07 8.09
CA GLU A 727 2.92 50.27 8.32
C GLU A 727 3.03 50.59 9.82
N ARG A 728 1.91 50.93 10.44
CA ARG A 728 1.89 51.34 11.84
C ARG A 728 1.53 50.18 12.77
N PHE A 729 2.00 50.25 14.01
CA PHE A 729 1.56 49.32 15.06
C PHE A 729 0.59 49.96 16.04
N GLY A 730 0.13 51.18 15.75
CA GLY A 730 -0.87 51.85 16.57
C GLY A 730 -2.29 51.49 16.20
N GLU A 731 -3.05 50.97 17.18
CA GLU A 731 -4.46 50.61 17.05
C GLU A 731 -4.69 49.58 15.95
N LEU A 732 -4.01 48.44 16.08
CA LEU A 732 -4.25 47.31 15.19
C LEU A 732 -5.32 46.40 15.77
N ASP A 733 -6.16 45.86 14.90
CA ASP A 733 -7.35 45.15 15.35
C ASP A 733 -7.07 43.66 15.55
N TYR A 734 -7.62 43.12 16.63
CA TYR A 734 -7.69 41.67 16.84
C TYR A 734 -9.10 41.14 16.62
N ALA A 735 -10.11 41.89 17.02
CA ALA A 735 -11.51 41.51 16.87
C ALA A 735 -12.33 42.51 16.10
N HIS A 736 -11.71 43.58 15.58
CA HIS A 736 -12.34 44.46 14.60
C HIS A 736 -11.89 44.18 13.17
N MET A 737 -10.91 43.28 13.00
CA MET A 737 -10.25 43.11 11.71
C MET A 737 -11.02 42.23 10.74
N LYS A 738 -11.55 41.08 11.19
CA LYS A 738 -12.00 40.08 10.24
C LYS A 738 -13.49 40.13 9.94
N GLU A 739 -14.27 40.96 10.63
CA GLU A 739 -15.70 40.97 10.35
C GLU A 739 -16.17 42.18 9.57
N LEU A 740 -15.58 43.37 9.76
CA LEU A 740 -16.09 44.54 9.06
C LEU A 740 -15.21 44.92 7.87
N VAL A 741 -13.92 44.60 7.91
CA VAL A 741 -13.08 44.78 6.72
C VAL A 741 -13.37 43.69 5.70
N LEU A 742 -13.57 42.44 6.15
CA LEU A 742 -13.71 41.32 5.24
C LEU A 742 -15.15 41.11 4.78
N GLY A 743 -16.09 41.85 5.36
CA GLY A 743 -17.50 41.58 5.08
C GLY A 743 -17.96 42.09 3.73
N VAL A 744 -17.26 43.08 3.17
CA VAL A 744 -17.75 43.80 2.01
C VAL A 744 -16.82 43.59 0.81
N VAL A 745 -15.73 42.85 1.02
CA VAL A 745 -14.71 42.73 -0.02
C VAL A 745 -14.62 41.30 -0.54
N SER A 746 -15.25 40.36 0.16
CA SER A 746 -15.09 38.95 -0.18
C SER A 746 -16.11 38.46 -1.21
N HIS A 747 -17.39 38.77 -0.99
CA HIS A 747 -18.48 38.13 -1.74
C HIS A 747 -18.89 38.90 -2.99
N ASN A 748 -17.97 39.62 -3.62
CA ASN A 748 -18.25 40.24 -4.92
C ASN A 748 -17.77 39.32 -6.05
N PHE A 749 -16.57 38.75 -5.90
CA PHE A 749 -16.01 37.90 -6.94
C PHE A 749 -16.18 36.43 -6.55
N ARG A 750 -15.79 36.06 -5.33
CA ARG A 750 -15.83 34.66 -4.96
C ARG A 750 -16.36 34.46 -3.54
N PRO A 751 -17.58 33.95 -3.38
CA PRO A 751 -18.08 33.65 -2.04
C PRO A 751 -17.84 32.23 -1.54
N GLU A 752 -17.02 31.43 -2.22
CA GLU A 752 -16.80 30.04 -1.81
C GLU A 752 -15.42 29.81 -1.20
N PHE A 753 -14.85 30.82 -0.53
CA PHE A 753 -13.48 30.72 -0.04
C PHE A 753 -13.40 31.02 1.45
N ILE A 754 -14.15 32.03 1.89
CA ILE A 754 -14.16 32.47 3.27
C ILE A 754 -15.49 32.08 3.92
N ASN A 755 -16.39 31.47 3.14
CA ASN A 755 -17.59 30.88 3.70
C ASN A 755 -17.27 29.69 4.60
N ARG A 756 -16.12 29.05 4.38
CA ARG A 756 -15.65 27.98 5.25
C ARG A 756 -14.64 28.51 6.28
N ILE A 757 -13.69 29.31 5.83
CA ILE A 757 -12.54 29.74 6.61
C ILE A 757 -12.83 31.11 7.20
N ASP A 758 -12.76 31.23 8.52
CA ASP A 758 -13.22 32.44 9.18
C ASP A 758 -12.27 33.00 10.23
N GLU A 759 -11.43 32.18 10.85
CA GLU A 759 -10.55 32.65 11.92
C GLU A 759 -9.33 33.36 11.33
N VAL A 760 -9.30 34.68 11.48
CA VAL A 760 -8.21 35.50 10.95
C VAL A 760 -7.59 36.28 12.09
N VAL A 761 -6.33 36.00 12.39
CA VAL A 761 -5.51 36.80 13.29
C VAL A 761 -4.13 36.98 12.65
N VAL A 762 -3.58 38.17 12.76
CA VAL A 762 -2.44 38.61 11.97
C VAL A 762 -1.16 38.18 12.68
N PHE A 763 -0.07 38.03 11.91
CA PHE A 763 1.26 37.97 12.48
C PHE A 763 1.71 39.33 12.98
N HIS A 764 2.98 39.41 13.39
CA HIS A 764 3.51 40.64 13.95
C HIS A 764 3.61 41.72 12.88
N PRO A 765 3.18 42.95 13.19
CA PRO A 765 3.42 44.07 12.28
C PRO A 765 4.89 44.44 12.24
N LEU A 766 5.42 44.73 11.06
CA LEU A 766 6.84 44.96 10.93
C LEU A 766 7.18 46.39 11.34
N GLY A 767 7.50 46.57 12.63
CA GLY A 767 7.85 47.85 13.18
C GLY A 767 9.35 48.04 13.30
N GLU A 768 9.77 48.54 14.46
CA GLU A 768 11.20 48.71 14.70
C GLU A 768 11.77 47.63 15.62
N GLN A 769 11.27 47.55 16.86
CA GLN A 769 11.98 46.79 17.88
C GLN A 769 11.71 45.28 17.78
N HIS A 770 10.56 44.89 17.22
CA HIS A 770 10.28 43.48 17.01
C HIS A 770 11.20 42.82 15.97
N ILE A 771 11.70 43.59 15.02
CA ILE A 771 12.76 43.14 14.13
C ILE A 771 14.13 43.39 14.73
N ALA A 772 14.27 44.34 15.67
CA ALA A 772 15.53 44.53 16.38
C ALA A 772 15.89 43.32 17.23
N SER A 773 14.89 42.53 17.64
CA SER A 773 15.18 41.20 18.16
C SER A 773 15.61 40.26 17.03
N ILE A 774 14.93 40.33 15.89
CA ILE A 774 15.19 39.42 14.78
C ILE A 774 16.50 39.78 14.09
N ALA A 775 16.84 41.06 14.06
CA ALA A 775 18.15 41.44 13.54
C ALA A 775 19.23 41.23 14.53
N GLN A 776 18.92 40.87 15.77
CA GLN A 776 19.91 40.38 16.70
C GLN A 776 20.13 38.88 16.61
N ILE A 777 19.11 38.13 16.16
CA ILE A 777 19.27 36.68 15.96
C ILE A 777 20.21 36.40 14.79
N GLN A 778 20.09 37.16 13.71
CA GLN A 778 20.99 36.96 12.58
C GLN A 778 22.36 37.59 12.79
N LEU A 779 22.49 38.55 13.69
CA LEU A 779 23.81 39.04 14.09
C LEU A 779 24.46 38.19 15.17
N LYS A 780 23.71 37.47 15.99
CA LYS A 780 24.39 36.65 16.99
C LYS A 780 24.92 35.36 16.37
N ARG A 781 24.38 34.96 15.22
CA ARG A 781 25.07 33.93 14.45
C ARG A 781 26.18 34.51 13.58
N LEU A 782 26.26 35.84 13.49
CA LEU A 782 27.47 36.50 13.01
C LEU A 782 28.47 36.76 14.13
N TYR A 783 28.00 36.80 15.40
CA TYR A 783 28.93 36.89 16.52
C TYR A 783 29.74 35.61 16.67
N LYS A 784 29.05 34.46 16.73
CA LYS A 784 29.70 33.16 16.80
C LYS A 784 30.52 32.87 15.55
N ARG A 785 30.15 33.46 14.41
CA ARG A 785 30.97 33.42 13.21
C ARG A 785 32.23 34.26 13.33
N LEU A 786 32.29 35.16 14.33
CA LEU A 786 33.36 36.13 14.44
C LEU A 786 34.23 35.94 15.68
N GLU A 787 33.71 35.32 16.74
CA GLU A 787 34.53 35.07 17.91
C GLU A 787 35.43 33.86 17.74
N GLU A 788 35.25 33.09 16.67
CA GLU A 788 36.19 32.04 16.28
C GLU A 788 37.54 32.59 15.82
N ARG A 789 37.60 33.87 15.47
CA ARG A 789 38.86 34.50 15.07
C ARG A 789 39.26 35.63 16.01
N GLY A 790 38.51 35.80 17.11
CA GLY A 790 38.92 36.73 18.15
C GLY A 790 38.40 38.13 18.01
N TYR A 791 37.15 38.31 17.60
CA TYR A 791 36.52 39.61 17.57
C TYR A 791 35.16 39.51 18.24
N GLU A 792 34.97 40.22 19.34
CA GLU A 792 33.64 40.32 19.94
C GLU A 792 33.11 41.73 19.66
N ILE A 793 32.09 41.79 18.80
CA ILE A 793 31.53 43.05 18.36
C ILE A 793 30.24 43.32 19.13
N HIS A 794 30.08 44.55 19.57
CA HIS A 794 28.85 45.00 20.18
C HIS A 794 28.09 45.83 19.15
N ILE A 795 26.82 46.06 19.42
CA ILE A 795 26.00 46.94 18.60
C ILE A 795 24.96 47.58 19.51
N SER A 796 24.64 48.84 19.23
CA SER A 796 23.75 49.59 20.11
C SER A 796 22.31 49.46 19.65
N ASP A 797 21.39 49.94 20.50
CA ASP A 797 20.01 50.11 20.06
C ASP A 797 19.92 51.19 18.98
N GLU A 798 20.82 52.17 19.02
CA GLU A 798 20.95 53.17 17.98
C GLU A 798 21.64 52.62 16.74
N ALA A 799 22.56 51.68 16.90
CA ALA A 799 23.42 51.29 15.79
C ALA A 799 22.78 50.24 14.88
N LEU A 800 21.80 49.48 15.38
CA LEU A 800 21.16 48.50 14.51
C LEU A 800 19.83 48.98 13.95
N LYS A 801 19.30 50.10 14.43
CA LYS A 801 18.21 50.75 13.72
C LYS A 801 18.72 51.74 12.69
N LEU A 802 20.05 51.91 12.60
CA LEU A 802 20.65 52.45 11.39
C LEU A 802 20.36 51.58 10.18
N LEU A 803 20.17 50.28 10.40
CA LEU A 803 19.84 49.31 9.36
C LEU A 803 18.38 49.37 8.92
N SER A 804 17.48 49.86 9.76
CA SER A 804 16.03 49.73 9.53
C SER A 804 15.51 50.57 8.37
N GLU A 805 16.28 51.54 7.88
CA GLU A 805 15.89 52.28 6.68
C GLU A 805 16.12 51.49 5.41
N ASN A 806 16.99 50.48 5.46
CA ASN A 806 17.35 49.64 4.32
C ASN A 806 17.06 48.17 4.56
N GLY A 807 16.07 47.87 5.41
CA GLY A 807 15.87 46.55 5.96
C GLY A 807 14.71 45.85 5.28
N TYR A 808 13.55 45.85 5.93
CA TYR A 808 12.45 44.97 5.58
C TYR A 808 11.67 45.48 4.36
N ASP A 809 10.89 44.55 3.75
CA ASP A 809 10.04 44.72 2.58
C ASP A 809 8.64 44.22 2.87
N PRO A 810 7.60 45.00 2.58
CA PRO A 810 6.23 44.47 2.72
C PRO A 810 5.86 43.45 1.65
N VAL A 811 6.65 43.32 0.61
CA VAL A 811 6.38 42.39 -0.48
C VAL A 811 6.97 41.02 -0.19
N TYR A 812 8.18 40.96 0.37
CA TYR A 812 8.89 39.70 0.56
C TYR A 812 8.96 39.26 2.02
N GLY A 813 8.65 40.12 2.96
CA GLY A 813 8.66 39.75 4.38
C GLY A 813 9.95 40.18 5.07
N ALA A 814 10.75 39.19 5.49
CA ALA A 814 12.05 39.44 6.07
C ALA A 814 13.17 38.81 5.24
N ARG A 815 12.92 38.60 3.95
CA ARG A 815 13.98 38.21 3.04
C ARG A 815 15.08 39.26 2.84
N PRO A 816 14.81 40.60 2.66
CA PRO A 816 15.94 41.52 2.50
C PRO A 816 16.58 41.98 3.81
N LEU A 817 16.34 41.27 4.91
CA LEU A 817 17.05 41.57 6.14
C LEU A 817 18.48 41.07 6.10
N LYS A 818 18.68 39.87 5.55
CA LYS A 818 19.99 39.23 5.57
C LYS A 818 20.99 39.91 4.65
N ARG A 819 20.58 40.31 3.45
CA ARG A 819 21.48 41.05 2.57
C ARG A 819 21.76 42.44 3.09
N ALA A 820 20.82 43.02 3.86
CA ALA A 820 21.07 44.29 4.51
C ALA A 820 22.12 44.18 5.61
N ILE A 821 22.31 42.99 6.19
CA ILE A 821 23.44 42.79 7.09
C ILE A 821 24.73 42.72 6.29
N GLN A 822 24.67 42.14 5.09
CA GLN A 822 25.89 42.02 4.27
C GLN A 822 26.33 43.36 3.74
N GLN A 823 25.43 44.11 3.10
CA GLN A 823 25.83 45.36 2.46
C GLN A 823 26.17 46.48 3.43
N GLN A 824 25.53 46.52 4.61
CA GLN A 824 25.73 47.65 5.53
C GLN A 824 26.92 47.43 6.47
N ILE A 825 27.01 46.26 7.11
CA ILE A 825 28.09 45.99 8.05
C ILE A 825 29.04 44.90 7.56
N GLU A 826 28.51 43.76 7.08
CA GLU A 826 29.34 42.56 6.94
C GLU A 826 30.32 42.65 5.77
N ASN A 827 29.91 43.20 4.64
CA ASN A 827 30.89 43.43 3.58
C ASN A 827 31.85 44.57 3.91
N PRO A 828 31.45 45.66 4.60
CA PRO A 828 32.48 46.54 5.16
C PRO A 828 33.27 45.95 6.32
N LEU A 829 32.75 44.96 7.03
CA LEU A 829 33.50 44.37 8.15
C LEU A 829 34.68 43.56 7.65
N ALA A 830 34.44 42.68 6.67
CA ALA A 830 35.48 41.89 6.05
C ALA A 830 36.51 42.73 5.31
N GLN A 831 36.12 43.93 4.88
CA GLN A 831 37.07 44.90 4.35
C GLN A 831 38.05 45.35 5.41
N GLN A 832 37.62 45.39 6.68
CA GLN A 832 38.47 45.88 7.77
C GLN A 832 39.17 44.77 8.54
N ILE A 833 38.62 43.55 8.56
CA ILE A 833 39.33 42.42 9.14
C ILE A 833 40.56 42.08 8.31
N LEU A 834 40.40 42.10 6.98
CA LEU A 834 41.52 41.79 6.08
C LEU A 834 42.55 42.91 6.02
N SER A 835 42.12 44.16 6.16
CA SER A 835 43.05 45.28 6.07
C SER A 835 43.99 45.34 7.26
N GLY A 836 43.68 44.63 8.35
CA GLY A 836 44.50 44.62 9.53
C GLY A 836 44.25 45.77 10.47
N GLU A 837 43.35 46.69 10.12
CA GLU A 837 43.12 47.84 10.99
C GLU A 837 42.12 47.50 12.08
N LEU A 838 41.48 46.32 12.01
CA LEU A 838 40.77 45.78 13.16
C LEU A 838 41.53 44.57 13.69
N VAL A 839 42.42 44.81 14.65
CA VAL A 839 43.24 43.75 15.25
C VAL A 839 42.39 42.98 16.25
N PRO A 840 42.53 41.64 16.32
CA PRO A 840 41.79 40.88 17.34
C PRO A 840 42.23 41.23 18.75
N GLY A 841 41.25 41.42 19.63
CA GLY A 841 41.54 41.74 21.02
C GLY A 841 40.93 43.06 21.47
N LYS A 842 40.97 44.07 20.60
CA LYS A 842 40.41 45.37 20.94
C LYS A 842 39.00 45.49 20.38
N VAL A 843 38.05 45.82 21.27
CA VAL A 843 36.67 46.08 20.85
C VAL A 843 36.59 47.50 20.27
N ILE A 844 35.89 47.64 19.13
CA ILE A 844 35.81 48.90 18.40
C ILE A 844 34.38 49.44 18.53
N ARG A 845 34.23 50.76 18.44
CA ARG A 845 32.95 51.45 18.48
C ARG A 845 32.80 52.18 17.14
N LEU A 846 31.64 52.78 16.91
CA LEU A 846 31.30 53.39 15.63
C LEU A 846 31.29 54.91 15.74
N GLU A 847 31.15 55.55 14.58
CA GLU A 847 30.94 56.98 14.45
C GLU A 847 29.86 57.26 13.40
N VAL A 848 29.16 58.38 13.58
CA VAL A 848 28.32 58.94 12.53
C VAL A 848 29.21 59.82 11.66
N ASN A 849 29.08 59.67 10.35
CA ASN A 849 30.09 60.18 9.42
C ASN A 849 29.41 60.58 8.11
N GLU A 850 30.23 60.68 7.05
CA GLU A 850 29.80 61.17 5.75
C GLU A 850 28.85 60.14 5.08
N ASP A 851 28.36 60.48 3.89
CA ASP A 851 27.13 59.98 3.28
C ASP A 851 27.06 58.47 3.14
N ARG A 852 28.19 57.76 3.08
CA ARG A 852 28.13 56.31 3.21
C ARG A 852 28.38 55.88 4.65
N ILE A 853 27.47 55.09 5.21
CA ILE A 853 27.44 54.81 6.64
C ILE A 853 28.16 53.48 6.87
N VAL A 854 29.43 53.56 7.25
CA VAL A 854 30.19 52.40 7.71
C VAL A 854 30.72 52.68 9.11
N ALA A 855 31.09 51.63 9.84
CA ALA A 855 31.56 51.76 11.22
C ALA A 855 33.09 51.75 11.25
N VAL A 856 33.68 52.93 11.12
CA VAL A 856 35.13 53.09 11.16
C VAL A 856 35.54 53.80 12.44
N GLN A 857 36.86 53.94 12.61
CA GLN A 857 37.41 54.58 13.79
C GLN A 857 37.60 56.08 13.56
N LEU B 161 27.18 -34.76 -14.36
CA LEU B 161 25.85 -35.05 -14.88
C LEU B 161 24.85 -35.39 -13.79
N LYS B 162 25.22 -36.34 -12.92
CA LYS B 162 24.41 -36.64 -11.75
C LYS B 162 24.57 -35.61 -10.65
N LYS B 163 25.42 -34.62 -10.85
CA LYS B 163 25.58 -33.54 -9.88
C LYS B 163 24.58 -32.43 -10.13
N TYR B 164 24.15 -32.26 -11.38
CA TYR B 164 23.27 -31.16 -11.75
C TYR B 164 21.90 -31.65 -12.22
N THR B 165 21.86 -32.56 -13.19
CA THR B 165 20.61 -32.90 -13.85
C THR B 165 19.78 -33.80 -12.95
N ILE B 166 18.62 -33.31 -12.56
CA ILE B 166 17.60 -34.13 -11.90
C ILE B 166 17.06 -35.13 -12.91
N ASP B 167 17.00 -36.38 -12.53
CA ASP B 167 16.54 -37.44 -13.42
C ASP B 167 15.04 -37.55 -13.23
N LEU B 168 14.28 -37.14 -14.25
CA LEU B 168 12.83 -37.24 -14.20
C LEU B 168 12.34 -38.64 -14.51
N THR B 169 13.16 -39.46 -15.15
CA THR B 169 12.70 -40.78 -15.55
C THR B 169 12.73 -41.74 -14.37
N GLU B 170 13.75 -41.66 -13.52
CA GLU B 170 13.78 -42.45 -12.30
C GLU B 170 13.00 -41.78 -11.18
N ARG B 171 12.59 -40.53 -11.37
CA ARG B 171 11.62 -39.93 -10.48
C ARG B 171 10.20 -40.34 -10.85
N ALA B 172 10.02 -40.94 -12.04
CA ALA B 172 8.75 -41.52 -12.43
C ALA B 172 8.59 -42.98 -12.03
N GLU B 173 9.69 -43.71 -11.82
CA GLU B 173 9.58 -45.11 -11.41
C GLU B 173 9.19 -45.22 -9.95
N GLN B 174 9.61 -44.25 -9.13
CA GLN B 174 9.20 -44.23 -7.74
C GLN B 174 7.79 -43.70 -7.55
N GLY B 175 7.12 -43.24 -8.60
CA GLY B 175 5.81 -42.65 -8.47
C GLY B 175 5.83 -41.28 -7.85
N LYS B 176 6.96 -40.59 -7.95
CA LYS B 176 7.09 -39.25 -7.40
C LYS B 176 6.56 -38.18 -8.33
N LEU B 177 6.27 -38.51 -9.57
CA LEU B 177 5.79 -37.54 -10.53
C LEU B 177 4.28 -37.43 -10.43
N ASP B 178 3.79 -36.22 -10.68
CA ASP B 178 2.35 -36.00 -10.79
C ASP B 178 1.80 -36.79 -11.97
N PRO B 179 0.64 -37.43 -11.80
CA PRO B 179 -0.01 -38.05 -12.95
C PRO B 179 -0.49 -36.99 -13.92
N VAL B 180 -0.10 -37.14 -15.18
CA VAL B 180 -0.37 -36.15 -16.21
C VAL B 180 -1.57 -36.62 -17.01
N ILE B 181 -2.60 -35.79 -17.06
CA ILE B 181 -3.85 -36.12 -17.72
C ILE B 181 -4.01 -35.24 -18.95
N GLY B 182 -4.24 -35.87 -20.09
CA GLY B 182 -4.38 -35.12 -21.32
C GLY B 182 -3.03 -34.86 -21.93
N ARG B 183 -2.87 -33.67 -22.52
CA ARG B 183 -1.64 -33.17 -23.12
C ARG B 183 -1.12 -34.05 -24.26
N ASP B 184 -1.96 -34.93 -24.81
CA ASP B 184 -1.50 -35.95 -25.72
C ASP B 184 -1.29 -35.44 -27.13
N GLU B 185 -1.71 -34.22 -27.43
CA GLU B 185 -1.33 -33.59 -28.69
C GLU B 185 -0.05 -32.80 -28.55
N GLU B 186 0.26 -32.32 -27.34
CA GLU B 186 1.51 -31.63 -27.05
C GLU B 186 2.60 -32.57 -26.60
N ILE B 187 2.26 -33.78 -26.15
CA ILE B 187 3.29 -34.79 -25.91
C ILE B 187 3.66 -35.47 -27.21
N ARG B 188 2.68 -35.76 -28.07
CA ARG B 188 2.96 -36.36 -29.37
C ARG B 188 3.73 -35.42 -30.28
N ARG B 189 3.41 -34.13 -30.26
CA ARG B 189 4.19 -33.16 -31.03
C ARG B 189 5.58 -33.00 -30.45
N THR B 190 5.73 -33.19 -29.14
CA THR B 190 7.05 -33.18 -28.52
C THR B 190 7.89 -34.36 -28.97
N ILE B 191 7.32 -35.57 -28.97
CA ILE B 191 8.00 -36.75 -29.50
C ILE B 191 8.25 -36.64 -31.00
N GLN B 192 7.37 -35.95 -31.74
CA GLN B 192 7.62 -35.70 -33.15
C GLN B 192 8.81 -34.80 -33.36
N VAL B 193 9.04 -33.86 -32.44
CA VAL B 193 10.24 -33.04 -32.53
C VAL B 193 11.43 -33.80 -31.95
N LEU B 194 11.22 -34.55 -30.89
CA LEU B 194 12.32 -35.30 -30.27
C LEU B 194 12.81 -36.46 -31.13
N GLN B 195 12.13 -36.80 -32.21
CA GLN B 195 12.56 -37.83 -33.13
C GLN B 195 13.09 -37.26 -34.43
N ARG B 196 13.26 -35.96 -34.51
CA ARG B 196 13.82 -35.35 -35.70
C ARG B 196 15.29 -35.71 -35.82
N ARG B 197 15.81 -35.68 -37.05
CA ARG B 197 17.19 -36.05 -37.24
C ARG B 197 18.11 -34.97 -36.72
N THR B 198 18.01 -33.76 -37.27
CA THR B 198 18.74 -32.61 -36.80
C THR B 198 17.78 -31.66 -36.09
N LYS B 199 18.29 -31.01 -35.05
CA LYS B 199 17.56 -30.05 -34.22
C LYS B 199 16.32 -30.68 -33.59
N ASN B 200 16.51 -31.85 -32.99
CA ASN B 200 15.44 -32.51 -32.26
C ASN B 200 15.29 -31.92 -30.86
N ASN B 201 14.92 -30.65 -30.84
CA ASN B 201 14.84 -29.90 -29.58
C ASN B 201 13.49 -29.21 -29.55
N PRO B 202 12.52 -29.75 -28.83
CA PRO B 202 11.28 -29.04 -28.62
C PRO B 202 11.42 -27.98 -27.54
N VAL B 203 10.68 -26.90 -27.70
CA VAL B 203 10.56 -25.91 -26.64
C VAL B 203 9.08 -25.71 -26.35
N LEU B 204 8.67 -26.10 -25.15
CA LEU B 204 7.26 -26.08 -24.77
C LEU B 204 6.89 -24.65 -24.40
N ILE B 205 6.59 -23.86 -25.42
CA ILE B 205 6.25 -22.46 -25.23
C ILE B 205 4.83 -22.37 -24.69
N GLY B 206 4.66 -21.69 -23.56
CA GLY B 206 3.34 -21.43 -23.03
C GLY B 206 3.23 -20.12 -22.27
N GLU B 207 2.68 -20.20 -21.07
CA GLU B 207 2.54 -19.08 -20.16
C GLU B 207 2.67 -19.65 -18.75
N PRO B 208 3.07 -18.85 -17.74
CA PRO B 208 3.29 -19.43 -16.41
C PRO B 208 2.11 -20.13 -15.78
N GLY B 209 2.24 -21.45 -15.66
CA GLY B 209 1.22 -22.27 -15.05
C GLY B 209 0.25 -22.86 -16.05
N VAL B 210 0.78 -23.43 -17.12
CA VAL B 210 -0.04 -24.00 -18.18
C VAL B 210 0.15 -25.50 -18.18
N GLY B 211 1.34 -25.95 -17.81
CA GLY B 211 1.58 -27.37 -17.66
C GLY B 211 2.74 -27.86 -18.48
N LYS B 212 3.64 -26.95 -18.87
CA LYS B 212 4.73 -27.31 -19.76
C LYS B 212 5.84 -28.05 -19.01
N THR B 213 5.88 -27.93 -17.69
CA THR B 213 6.80 -28.75 -16.92
C THR B 213 6.19 -30.11 -16.64
N ALA B 214 4.87 -30.19 -16.56
CA ALA B 214 4.17 -31.46 -16.46
C ALA B 214 3.74 -31.97 -17.83
N ILE B 215 4.49 -31.65 -18.87
CA ILE B 215 4.38 -32.36 -20.14
C ILE B 215 5.56 -33.31 -20.21
N VAL B 216 6.74 -32.83 -19.83
CA VAL B 216 7.89 -33.72 -19.75
C VAL B 216 7.79 -34.67 -18.58
N GLU B 217 7.01 -34.34 -17.55
CA GLU B 217 6.64 -35.31 -16.53
C GLU B 217 5.51 -36.20 -16.98
N GLY B 218 4.97 -35.96 -18.17
CA GLY B 218 4.05 -36.88 -18.80
C GLY B 218 4.70 -37.47 -20.02
N LEU B 219 5.92 -37.02 -20.30
CA LEU B 219 6.77 -37.73 -21.24
C LEU B 219 7.66 -38.72 -20.48
N ALA B 220 8.14 -38.33 -19.31
CA ALA B 220 8.97 -39.24 -18.52
C ALA B 220 8.15 -40.34 -17.87
N GLN B 221 6.90 -40.06 -17.51
CA GLN B 221 5.99 -41.13 -17.14
C GLN B 221 5.62 -42.00 -18.32
N ARG B 222 5.66 -41.46 -19.53
CA ARG B 222 5.30 -42.21 -20.72
C ARG B 222 6.40 -43.15 -21.17
N ILE B 223 7.66 -42.75 -21.03
CA ILE B 223 8.78 -43.62 -21.37
C ILE B 223 8.83 -44.84 -20.47
N ILE B 224 8.61 -44.64 -19.17
CA ILE B 224 8.55 -45.76 -18.24
C ILE B 224 7.34 -46.66 -18.50
N ASN B 225 6.17 -46.06 -18.70
CA ASN B 225 4.96 -46.83 -18.95
C ASN B 225 4.87 -47.33 -20.39
N GLY B 226 5.71 -46.81 -21.28
CA GLY B 226 5.90 -47.41 -22.59
C GLY B 226 4.89 -47.03 -23.64
N GLU B 227 4.25 -45.86 -23.55
CA GLU B 227 3.41 -45.39 -24.64
C GLU B 227 4.17 -44.51 -25.63
N VAL B 228 5.49 -44.54 -25.60
CA VAL B 228 6.31 -43.78 -26.53
C VAL B 228 6.62 -44.68 -27.73
N PRO B 229 7.00 -44.13 -28.87
CA PRO B 229 7.46 -44.98 -29.97
C PRO B 229 8.78 -45.65 -29.65
N GLU B 230 9.05 -46.75 -30.34
CA GLU B 230 10.39 -47.31 -30.30
C GLU B 230 11.34 -46.38 -31.03
N GLY B 231 12.37 -45.96 -30.33
CA GLY B 231 13.15 -44.79 -30.67
C GLY B 231 13.22 -43.81 -29.54
N LEU B 232 12.12 -43.60 -28.81
CA LEU B 232 12.13 -42.98 -27.50
C LEU B 232 11.95 -43.98 -26.38
N LYS B 233 11.92 -45.27 -26.69
CA LYS B 233 11.71 -46.27 -25.66
C LYS B 233 12.98 -46.49 -24.87
N GLY B 234 12.86 -46.44 -23.55
CA GLY B 234 14.00 -46.66 -22.69
C GLY B 234 14.95 -45.50 -22.57
N ARG B 235 14.52 -44.30 -22.97
CA ARG B 235 15.35 -43.13 -22.77
C ARG B 235 15.29 -42.67 -21.33
N ARG B 236 16.08 -41.65 -21.03
CA ARG B 236 16.07 -41.00 -19.73
C ARG B 236 15.81 -39.52 -19.95
N VAL B 237 14.95 -38.93 -19.13
CA VAL B 237 14.68 -37.50 -19.19
C VAL B 237 15.43 -36.88 -18.02
N LEU B 238 16.57 -36.27 -18.32
CA LEU B 238 17.32 -35.55 -17.31
C LEU B 238 16.91 -34.08 -17.31
N ALA B 239 16.70 -33.53 -16.14
CA ALA B 239 16.25 -32.15 -15.99
C ALA B 239 17.45 -31.31 -15.61
N LEU B 240 18.15 -30.80 -16.61
CA LEU B 240 19.25 -29.89 -16.36
C LEU B 240 18.73 -28.58 -15.79
N ASP B 241 19.43 -28.09 -14.78
CA ASP B 241 19.09 -26.83 -14.15
C ASP B 241 20.21 -25.85 -14.41
N MET B 242 19.90 -24.77 -15.12
CA MET B 242 20.89 -23.73 -15.38
C MET B 242 21.09 -22.81 -14.18
N GLY B 243 20.37 -23.02 -13.08
CA GLY B 243 20.69 -22.37 -11.84
C GLY B 243 21.72 -23.10 -11.02
N ALA B 244 21.93 -24.39 -11.29
CA ALA B 244 22.94 -25.15 -10.58
C ALA B 244 24.23 -25.24 -11.39
N LEU B 245 24.26 -24.60 -12.56
CA LEU B 245 25.48 -24.48 -13.33
C LEU B 245 26.15 -23.13 -13.18
N VAL B 246 25.40 -22.10 -12.82
CA VAL B 246 25.96 -20.78 -12.55
C VAL B 246 25.91 -20.61 -11.03
N ALA B 247 25.95 -21.74 -10.32
CA ALA B 247 25.78 -21.73 -8.87
C ALA B 247 27.01 -21.17 -8.17
N GLY B 248 28.15 -21.84 -8.34
CA GLY B 248 29.37 -21.39 -7.70
C GLY B 248 30.45 -21.02 -8.69
N ALA B 249 30.06 -20.58 -9.88
CA ALA B 249 31.00 -20.32 -10.97
C ALA B 249 31.61 -18.95 -10.78
N LYS B 250 32.60 -18.87 -9.89
CA LYS B 250 33.31 -17.63 -9.65
C LYS B 250 34.38 -17.35 -10.68
N TYR B 251 35.18 -18.36 -11.00
CA TYR B 251 36.42 -18.14 -11.71
C TYR B 251 36.21 -18.30 -13.20
N ARG B 252 37.31 -18.23 -13.93
CA ARG B 252 37.28 -18.25 -15.38
C ARG B 252 37.05 -19.67 -15.83
N GLY B 253 35.92 -19.91 -16.49
CA GLY B 253 35.66 -21.22 -17.04
C GLY B 253 35.31 -22.28 -16.03
N GLU B 254 34.82 -21.88 -14.87
CA GLU B 254 34.17 -22.87 -14.01
C GLU B 254 32.79 -23.21 -14.51
N PHE B 255 32.13 -22.29 -15.22
CA PHE B 255 30.86 -22.63 -15.81
C PHE B 255 31.05 -23.50 -17.05
N GLU B 256 32.07 -23.20 -17.85
CA GLU B 256 32.27 -23.93 -19.10
C GLU B 256 32.74 -25.36 -18.87
N GLU B 257 33.34 -25.64 -17.71
CA GLU B 257 33.67 -27.03 -17.39
C GLU B 257 32.47 -27.77 -16.87
N ARG B 258 31.42 -27.04 -16.48
CA ARG B 258 30.20 -27.69 -16.03
C ARG B 258 29.34 -28.12 -17.22
N LEU B 259 29.19 -27.25 -18.21
CA LEU B 259 28.52 -27.69 -19.44
C LEU B 259 29.32 -28.74 -20.16
N LYS B 260 30.61 -28.48 -20.42
CA LYS B 260 31.42 -29.46 -21.14
C LYS B 260 31.74 -30.68 -20.28
N GLY B 261 31.42 -30.63 -18.99
CA GLY B 261 31.30 -31.87 -18.24
C GLY B 261 29.97 -32.55 -18.42
N VAL B 262 28.89 -31.77 -18.48
CA VAL B 262 27.56 -32.34 -18.72
C VAL B 262 27.41 -32.79 -20.16
N LEU B 263 27.80 -31.94 -21.11
CA LEU B 263 27.73 -32.25 -22.53
C LEU B 263 28.59 -33.42 -22.93
N ASN B 264 29.70 -33.68 -22.23
CA ASN B 264 30.50 -34.85 -22.52
C ASN B 264 30.01 -36.09 -21.79
N ASP B 265 29.19 -35.93 -20.76
CA ASP B 265 28.51 -37.08 -20.20
C ASP B 265 27.30 -37.46 -21.02
N LEU B 266 26.65 -36.48 -21.67
CA LEU B 266 25.55 -36.75 -22.59
C LEU B 266 26.01 -37.40 -23.88
N ALA B 267 27.27 -37.25 -24.26
CA ALA B 267 27.78 -37.93 -25.43
C ALA B 267 28.22 -39.35 -25.13
N LYS B 268 28.54 -39.66 -23.88
CA LYS B 268 28.76 -41.03 -23.44
C LYS B 268 27.46 -41.81 -23.36
N GLN B 269 26.33 -41.13 -23.27
CA GLN B 269 25.02 -41.74 -23.25
C GLN B 269 24.55 -42.15 -24.64
N GLU B 270 25.32 -41.81 -25.68
CA GLU B 270 25.12 -42.16 -27.11
C GLU B 270 23.70 -41.93 -27.61
N GLY B 271 23.03 -40.90 -27.07
CA GLY B 271 21.70 -40.55 -27.52
C GLY B 271 20.58 -41.25 -26.79
N ASN B 272 20.83 -41.82 -25.62
CA ASN B 272 19.81 -42.50 -24.82
C ASN B 272 19.26 -41.59 -23.73
N VAL B 273 19.53 -40.29 -23.81
CA VAL B 273 19.13 -39.37 -22.75
C VAL B 273 18.48 -38.16 -23.40
N ILE B 274 17.28 -37.82 -22.95
CA ILE B 274 16.62 -36.59 -23.30
C ILE B 274 16.94 -35.56 -22.22
N LEU B 275 17.27 -34.35 -22.64
CA LEU B 275 17.69 -33.31 -21.70
C LEU B 275 16.57 -32.28 -21.58
N PHE B 276 16.01 -32.18 -20.39
CA PHE B 276 14.95 -31.21 -20.14
C PHE B 276 15.58 -29.96 -19.54
N ILE B 277 15.84 -28.97 -20.37
CA ILE B 277 16.26 -27.66 -19.87
C ILE B 277 14.99 -26.87 -19.62
N ASP B 278 14.53 -26.90 -18.39
CA ASP B 278 13.44 -26.03 -17.98
C ASP B 278 13.94 -24.60 -17.91
N GLU B 279 13.12 -23.68 -18.41
CA GLU B 279 13.44 -22.25 -18.50
C GLU B 279 14.73 -22.03 -19.31
N LEU B 280 14.60 -22.28 -20.61
CA LEU B 280 15.69 -22.03 -21.56
C LEU B 280 16.19 -20.59 -21.57
N HIS B 281 15.37 -19.63 -21.16
CA HIS B 281 15.81 -18.24 -21.18
C HIS B 281 16.88 -17.98 -20.13
N THR B 282 16.95 -18.82 -19.09
CA THR B 282 18.03 -18.81 -18.13
C THR B 282 19.32 -19.40 -18.68
N MET B 283 19.25 -20.05 -19.83
CA MET B 283 20.42 -20.52 -20.57
C MET B 283 20.95 -19.44 -21.52
N VAL B 284 20.08 -18.59 -22.05
CA VAL B 284 20.54 -17.48 -22.87
C VAL B 284 21.20 -16.45 -21.97
N GLY B 285 22.53 -16.40 -22.00
CA GLY B 285 23.26 -15.46 -21.18
C GLY B 285 23.52 -15.99 -19.78
N ALA B 286 23.98 -17.24 -19.68
CA ALA B 286 24.19 -17.83 -18.37
C ALA B 286 25.64 -17.74 -17.90
N GLY B 287 26.60 -18.13 -18.74
CA GLY B 287 27.96 -17.77 -18.37
C GLY B 287 28.18 -16.30 -18.62
N LYS B 288 28.43 -15.96 -19.89
CA LYS B 288 28.52 -14.62 -20.50
C LYS B 288 29.15 -13.59 -19.55
N ALA B 289 30.37 -13.90 -19.16
CA ALA B 289 31.04 -13.13 -18.12
C ALA B 289 32.16 -12.26 -18.65
N ASP B 290 32.58 -12.44 -19.87
CA ASP B 290 33.70 -11.69 -20.40
C ASP B 290 33.49 -11.17 -21.81
N GLY B 291 32.54 -11.74 -22.55
CA GLY B 291 32.40 -11.50 -23.97
C GLY B 291 31.15 -12.16 -24.50
N ALA B 292 31.27 -12.91 -25.59
CA ALA B 292 30.14 -13.65 -26.12
C ALA B 292 29.71 -14.75 -25.17
N MET B 293 28.43 -15.13 -25.27
CA MET B 293 27.69 -15.98 -24.36
C MET B 293 28.32 -17.37 -24.19
N ASP B 294 27.96 -18.09 -23.12
CA ASP B 294 28.69 -19.31 -22.82
C ASP B 294 27.78 -20.51 -22.56
N ALA B 295 26.47 -20.33 -22.58
CA ALA B 295 25.63 -21.50 -22.39
C ALA B 295 24.84 -21.88 -23.61
N GLY B 296 24.21 -20.92 -24.27
CA GLY B 296 23.56 -21.19 -25.53
C GLY B 296 24.49 -20.83 -26.66
N ASN B 297 25.78 -21.05 -26.46
CA ASN B 297 26.81 -20.92 -27.47
C ASN B 297 27.74 -22.10 -27.35
N MET B 298 27.65 -22.81 -26.24
CA MET B 298 28.30 -24.10 -26.07
C MET B 298 27.40 -25.25 -26.45
N LEU B 299 26.10 -25.12 -26.25
CA LEU B 299 25.13 -26.08 -26.72
C LEU B 299 24.87 -25.95 -28.20
N LYS B 300 25.16 -24.79 -28.79
CA LYS B 300 24.82 -24.48 -30.17
C LYS B 300 25.32 -25.46 -31.23
N PRO B 301 26.52 -26.07 -31.13
CA PRO B 301 26.80 -27.16 -32.08
C PRO B 301 26.00 -28.42 -31.80
N ALA B 302 25.91 -28.86 -30.55
CA ALA B 302 25.20 -30.09 -30.24
C ALA B 302 23.69 -29.92 -30.20
N LEU B 303 23.19 -28.71 -30.42
CA LEU B 303 21.76 -28.51 -30.61
C LEU B 303 21.39 -28.62 -32.09
N ALA B 304 22.30 -28.21 -32.98
CA ALA B 304 22.01 -28.21 -34.41
C ALA B 304 22.32 -29.55 -35.04
N ARG B 305 23.16 -30.35 -34.40
CA ARG B 305 23.53 -31.63 -34.96
C ARG B 305 22.57 -32.72 -34.55
N GLY B 306 21.57 -32.39 -33.75
CA GLY B 306 20.59 -33.36 -33.31
C GLY B 306 21.21 -34.33 -32.33
N GLU B 307 22.00 -33.80 -31.40
CA GLU B 307 22.85 -34.64 -30.59
C GLU B 307 22.45 -34.72 -29.13
N LEU B 308 21.77 -33.73 -28.57
CA LEU B 308 21.55 -33.77 -27.14
C LEU B 308 20.08 -33.82 -26.73
N HIS B 309 19.13 -33.66 -27.67
CA HIS B 309 17.69 -33.87 -27.45
C HIS B 309 17.12 -32.97 -26.37
N CYS B 310 17.10 -31.67 -26.64
CA CYS B 310 16.89 -30.69 -25.58
C CYS B 310 15.43 -30.26 -25.53
N VAL B 311 14.67 -30.78 -24.57
CA VAL B 311 13.30 -30.32 -24.39
C VAL B 311 13.36 -29.01 -23.62
N GLY B 312 13.17 -27.90 -24.28
CA GLY B 312 13.05 -26.66 -23.57
C GLY B 312 11.65 -26.44 -23.07
N ALA B 313 11.51 -25.58 -22.06
CA ALA B 313 10.19 -25.19 -21.59
C ALA B 313 10.29 -23.76 -21.07
N THR B 314 10.02 -22.80 -21.94
CA THR B 314 10.01 -21.40 -21.57
C THR B 314 8.61 -20.86 -21.83
N THR B 315 8.39 -19.60 -21.52
CA THR B 315 7.13 -18.94 -21.83
C THR B 315 7.30 -18.15 -23.10
N LEU B 316 6.20 -17.60 -23.60
CA LEU B 316 6.24 -17.04 -24.94
C LEU B 316 6.93 -15.69 -24.98
N ASP B 317 6.82 -14.89 -23.92
CA ASP B 317 7.49 -13.59 -23.94
C ASP B 317 8.91 -13.69 -23.42
N GLU B 318 9.22 -14.75 -22.68
CA GLU B 318 10.60 -15.09 -22.35
C GLU B 318 11.31 -15.76 -23.50
N TYR B 319 10.60 -16.41 -24.41
CA TYR B 319 11.17 -16.79 -25.68
C TYR B 319 11.38 -15.59 -26.59
N ARG B 320 10.55 -14.56 -26.44
CA ARG B 320 10.52 -13.48 -27.42
C ARG B 320 11.69 -12.53 -27.25
N GLN B 321 12.14 -12.28 -26.02
CA GLN B 321 13.20 -11.31 -25.81
C GLN B 321 14.48 -11.91 -25.26
N TYR B 322 14.53 -13.24 -25.09
CA TYR B 322 15.78 -13.92 -24.76
C TYR B 322 16.25 -14.80 -25.90
N ILE B 323 15.40 -15.73 -26.34
CA ILE B 323 15.82 -16.73 -27.31
C ILE B 323 15.64 -16.22 -28.72
N GLU B 324 14.63 -15.38 -28.96
CA GLU B 324 14.46 -14.83 -30.30
C GLU B 324 15.48 -13.76 -30.64
N LYS B 325 16.14 -13.17 -29.66
CA LYS B 325 17.18 -12.19 -29.95
C LYS B 325 18.45 -12.85 -30.44
N ASP B 326 18.75 -14.06 -29.95
CA ASP B 326 19.79 -14.91 -30.54
C ASP B 326 19.13 -15.73 -31.64
N ALA B 327 19.16 -15.18 -32.84
CA ALA B 327 18.53 -15.81 -33.99
C ALA B 327 19.21 -17.10 -34.41
N ALA B 328 20.47 -17.30 -34.01
CA ALA B 328 21.16 -18.54 -34.29
C ALA B 328 20.86 -19.64 -33.30
N LEU B 329 20.29 -19.31 -32.15
CA LEU B 329 19.81 -20.27 -31.17
C LEU B 329 18.32 -20.47 -31.26
N GLU B 330 17.61 -19.53 -31.86
CA GLU B 330 16.17 -19.63 -32.00
C GLU B 330 15.79 -20.71 -32.99
N ARG B 331 16.65 -20.98 -33.97
CA ARG B 331 16.36 -22.00 -34.97
C ARG B 331 16.67 -23.41 -34.50
N ARG B 332 17.41 -23.58 -33.41
CA ARG B 332 17.73 -24.91 -32.92
C ARG B 332 16.66 -25.46 -32.03
N PHE B 333 15.56 -24.74 -31.86
CA PHE B 333 14.44 -25.18 -31.05
C PHE B 333 13.18 -25.06 -31.89
N GLN B 334 12.25 -25.98 -31.64
CA GLN B 334 10.97 -25.99 -32.35
C GLN B 334 9.88 -25.70 -31.35
N LYS B 335 9.09 -24.65 -31.60
CA LYS B 335 8.07 -24.23 -30.66
C LYS B 335 6.92 -25.24 -30.65
N VAL B 336 6.83 -25.99 -29.57
CA VAL B 336 5.67 -26.82 -29.28
C VAL B 336 4.79 -25.99 -28.37
N PHE B 337 3.80 -25.32 -28.95
CA PHE B 337 2.98 -24.37 -28.22
C PHE B 337 2.08 -25.11 -27.25
N VAL B 338 2.20 -24.77 -25.97
CA VAL B 338 1.34 -25.35 -24.93
C VAL B 338 0.31 -24.29 -24.61
N ALA B 339 -0.83 -24.39 -25.27
CA ALA B 339 -1.96 -23.54 -24.93
C ALA B 339 -2.59 -24.02 -23.63
N GLU B 340 -3.06 -23.07 -22.82
CA GLU B 340 -3.66 -23.45 -21.55
C GLU B 340 -5.01 -24.12 -21.79
N PRO B 341 -5.38 -25.11 -20.99
CA PRO B 341 -6.61 -25.84 -21.25
C PRO B 341 -7.82 -24.99 -20.86
N SER B 342 -8.97 -25.36 -21.42
CA SER B 342 -10.17 -24.63 -21.09
C SER B 342 -10.72 -25.12 -19.75
N VAL B 343 -11.83 -24.51 -19.34
CA VAL B 343 -12.39 -24.72 -18.02
C VAL B 343 -12.91 -26.15 -17.87
N GLU B 344 -13.36 -26.76 -18.97
CA GLU B 344 -13.78 -28.14 -18.97
C GLU B 344 -12.63 -29.11 -19.17
N ASP B 345 -11.52 -28.64 -19.73
CA ASP B 345 -10.36 -29.49 -20.02
C ASP B 345 -9.48 -29.66 -18.80
N THR B 346 -9.66 -28.80 -17.79
CA THR B 346 -8.92 -28.87 -16.55
C THR B 346 -9.70 -29.52 -15.41
N ILE B 347 -10.92 -29.97 -15.67
CA ILE B 347 -11.60 -30.80 -14.68
C ILE B 347 -11.04 -32.21 -14.70
N ALA B 348 -10.82 -32.74 -15.91
CA ALA B 348 -10.25 -34.08 -16.06
C ALA B 348 -8.80 -34.12 -15.61
N ILE B 349 -8.10 -32.99 -15.79
CA ILE B 349 -6.79 -32.79 -15.15
C ILE B 349 -6.91 -32.98 -13.65
N LEU B 350 -7.95 -32.40 -13.07
CA LEU B 350 -8.07 -32.29 -11.63
C LEU B 350 -8.89 -33.42 -11.02
N ARG B 351 -9.65 -34.16 -11.83
CA ARG B 351 -10.38 -35.33 -11.33
C ARG B 351 -9.43 -36.47 -11.01
N GLY B 352 -8.38 -36.65 -11.82
CA GLY B 352 -7.42 -37.70 -11.56
C GLY B 352 -6.33 -37.29 -10.61
N LEU B 353 -5.99 -36.01 -10.59
CA LEU B 353 -5.02 -35.45 -9.66
C LEU B 353 -5.60 -35.26 -8.26
N LYS B 354 -6.91 -35.45 -8.07
CA LYS B 354 -7.51 -35.19 -6.76
C LYS B 354 -7.10 -36.23 -5.74
N GLU B 355 -6.81 -37.46 -6.17
CA GLU B 355 -6.47 -38.50 -5.23
C GLU B 355 -5.04 -38.36 -4.74
N ARG B 356 -4.17 -37.75 -5.54
CA ARG B 356 -2.82 -37.42 -5.11
C ARG B 356 -2.80 -36.32 -4.07
N TYR B 357 -3.88 -35.55 -3.97
CA TYR B 357 -4.04 -34.56 -2.91
C TYR B 357 -4.86 -35.11 -1.75
N GLU B 358 -5.71 -36.10 -2.00
CA GLU B 358 -6.42 -36.76 -0.91
C GLU B 358 -5.47 -37.59 -0.06
N LEU B 359 -4.46 -38.18 -0.66
CA LEU B 359 -3.52 -39.01 0.10
C LEU B 359 -2.49 -38.17 0.85
N HIS B 360 -2.31 -36.91 0.48
CA HIS B 360 -1.36 -36.04 1.14
C HIS B 360 -1.99 -35.26 2.28
N HIS B 361 -3.21 -34.77 2.07
CA HIS B 361 -3.91 -33.97 3.06
C HIS B 361 -4.78 -34.78 4.00
N HIS B 362 -5.06 -36.06 3.66
CA HIS B 362 -6.06 -36.89 4.33
C HIS B 362 -7.42 -36.21 4.33
N VAL B 363 -7.75 -35.59 3.19
CA VAL B 363 -8.89 -34.70 3.02
C VAL B 363 -9.66 -35.13 1.77
N GLN B 364 -10.97 -35.34 1.91
CA GLN B 364 -11.82 -35.75 0.80
C GLN B 364 -12.19 -34.52 -0.03
N ILE B 365 -11.97 -34.61 -1.33
CA ILE B 365 -12.23 -33.51 -2.25
C ILE B 365 -13.31 -33.97 -3.20
N THR B 366 -14.47 -33.34 -3.13
CA THR B 366 -15.54 -33.69 -4.05
C THR B 366 -15.33 -33.04 -5.40
N ASP B 367 -15.86 -33.67 -6.44
CA ASP B 367 -15.93 -33.12 -7.78
C ASP B 367 -16.84 -31.89 -7.91
N PRO B 368 -17.85 -31.69 -7.05
CA PRO B 368 -18.39 -30.33 -6.90
C PRO B 368 -17.35 -29.28 -6.53
N ALA B 369 -16.37 -29.61 -5.67
CA ALA B 369 -15.28 -28.70 -5.36
C ALA B 369 -14.22 -28.67 -6.44
N ILE B 370 -14.40 -29.41 -7.54
CA ILE B 370 -13.45 -29.43 -8.64
C ILE B 370 -14.06 -28.81 -9.89
N VAL B 371 -15.35 -29.04 -10.11
CA VAL B 371 -16.06 -28.32 -11.17
C VAL B 371 -16.19 -26.85 -10.84
N ALA B 372 -16.09 -26.48 -9.56
CA ALA B 372 -16.09 -25.09 -9.16
C ALA B 372 -14.71 -24.57 -8.78
N ALA B 373 -13.70 -25.43 -8.74
CA ALA B 373 -12.33 -24.95 -8.60
C ALA B 373 -11.80 -24.37 -9.89
N ALA B 374 -12.46 -24.63 -11.02
CA ALA B 374 -12.03 -24.15 -12.32
C ALA B 374 -12.93 -23.09 -12.93
N THR B 375 -14.24 -23.17 -12.72
CA THR B 375 -15.12 -22.09 -13.16
C THR B 375 -14.96 -20.82 -12.35
N LEU B 376 -14.55 -20.92 -11.08
CA LEU B 376 -14.32 -19.73 -10.28
C LEU B 376 -12.90 -19.23 -10.45
N SER B 377 -11.95 -20.12 -10.75
CA SER B 377 -10.59 -19.68 -11.04
C SER B 377 -10.51 -18.94 -12.35
N HIS B 378 -11.14 -19.46 -13.40
CA HIS B 378 -11.05 -18.84 -14.71
C HIS B 378 -11.79 -17.52 -14.77
N ARG B 379 -12.97 -17.46 -14.15
CA ARG B 379 -13.77 -16.25 -14.16
C ARG B 379 -13.16 -15.13 -13.33
N TYR B 380 -12.66 -15.45 -12.14
CA TYR B 380 -12.28 -14.42 -11.17
C TYR B 380 -10.78 -14.16 -11.08
N ILE B 381 -9.94 -15.16 -11.35
CA ILE B 381 -8.49 -14.98 -11.33
C ILE B 381 -8.03 -14.87 -12.77
N ALA B 382 -7.59 -13.68 -13.17
CA ALA B 382 -7.28 -13.40 -14.56
C ALA B 382 -5.80 -13.20 -14.82
N ASP B 383 -4.97 -13.09 -13.78
CA ASP B 383 -3.54 -12.93 -13.99
C ASP B 383 -2.84 -14.29 -14.13
N ARG B 384 -3.35 -15.31 -13.44
CA ARG B 384 -2.73 -16.64 -13.51
C ARG B 384 -3.32 -17.45 -14.65
N GLN B 385 -2.82 -18.66 -14.88
CA GLN B 385 -3.28 -19.54 -15.96
C GLN B 385 -3.89 -20.76 -15.30
N LEU B 386 -4.66 -21.54 -16.08
CA LEU B 386 -5.75 -22.31 -15.47
C LEU B 386 -5.35 -23.55 -14.65
N PRO B 387 -4.48 -24.47 -15.10
CA PRO B 387 -4.14 -25.56 -14.18
C PRO B 387 -3.00 -25.18 -13.25
N ASP B 388 -3.01 -23.98 -12.70
CA ASP B 388 -2.05 -23.59 -11.68
C ASP B 388 -2.80 -22.96 -10.53
N LYS B 389 -3.90 -22.30 -10.84
CA LYS B 389 -4.77 -21.70 -9.84
C LYS B 389 -5.88 -22.64 -9.38
N ALA B 390 -6.37 -23.50 -10.27
CA ALA B 390 -7.37 -24.49 -9.90
C ALA B 390 -6.78 -25.54 -8.97
N ILE B 391 -5.48 -25.76 -9.04
CA ILE B 391 -4.85 -26.72 -8.13
C ILE B 391 -4.26 -26.00 -6.94
N ASP B 392 -4.04 -24.68 -7.07
CA ASP B 392 -3.72 -23.85 -5.92
C ASP B 392 -4.91 -23.78 -4.97
N LEU B 393 -6.12 -23.65 -5.53
CA LEU B 393 -7.33 -23.46 -4.74
C LEU B 393 -7.66 -24.70 -3.92
N ILE B 394 -7.51 -25.88 -4.52
CA ILE B 394 -7.83 -27.10 -3.80
C ILE B 394 -6.75 -27.40 -2.77
N ASP B 395 -5.51 -27.04 -3.06
CA ASP B 395 -4.46 -27.22 -2.08
C ASP B 395 -4.57 -26.24 -0.93
N GLU B 396 -5.00 -25.00 -1.20
CA GLU B 396 -5.29 -24.04 -0.14
C GLU B 396 -6.52 -24.43 0.67
N ALA B 397 -7.54 -24.97 0.01
CA ALA B 397 -8.75 -25.37 0.74
C ALA B 397 -8.49 -26.61 1.57
N ALA B 398 -7.69 -27.53 1.07
CA ALA B 398 -7.37 -28.72 1.85
C ALA B 398 -6.44 -28.41 3.02
N SER B 399 -5.72 -27.30 2.94
CA SER B 399 -4.92 -26.85 4.07
C SER B 399 -5.72 -25.98 5.03
N SER B 400 -6.80 -25.35 4.53
CA SER B 400 -7.71 -24.62 5.41
C SER B 400 -8.54 -25.56 6.26
N ILE B 401 -8.92 -26.72 5.71
CA ILE B 401 -9.72 -27.68 6.45
C ILE B 401 -8.83 -28.54 7.35
N ARG B 402 -7.56 -28.69 6.98
CA ARG B 402 -6.60 -29.45 7.78
C ARG B 402 -6.29 -28.78 9.12
N MET B 403 -6.64 -27.51 9.29
CA MET B 403 -6.65 -26.89 10.60
C MET B 403 -7.86 -27.30 11.43
N GLN B 404 -9.01 -27.51 10.77
CA GLN B 404 -10.26 -27.70 11.49
C GLN B 404 -10.39 -29.08 12.08
N ILE B 405 -9.56 -30.03 11.63
CA ILE B 405 -9.57 -31.37 12.19
C ILE B 405 -8.46 -31.54 13.21
N ASP B 406 -7.42 -30.70 13.16
CA ASP B 406 -6.33 -30.78 14.13
C ASP B 406 -6.69 -30.08 15.45
N SER B 407 -6.83 -28.77 15.41
CA SER B 407 -7.03 -27.95 16.60
C SER B 407 -8.42 -27.33 16.59
N LYS B 408 -8.75 -26.65 17.69
CA LYS B 408 -10.03 -25.97 17.81
C LYS B 408 -9.83 -24.47 18.00
N ARG B 525 -20.37 -35.49 11.84
CA ARG B 525 -20.25 -35.10 10.45
C ARG B 525 -20.04 -33.59 10.40
N LEU B 526 -20.28 -32.94 11.54
CA LEU B 526 -20.27 -31.48 11.65
C LEU B 526 -18.87 -30.94 11.92
N LEU B 527 -17.89 -31.82 12.13
CA LEU B 527 -16.48 -31.47 12.07
C LEU B 527 -15.95 -32.14 10.81
N ARG B 528 -16.11 -31.47 9.68
CA ARG B 528 -16.02 -32.10 8.38
C ARG B 528 -14.57 -32.11 7.92
N ASN B 529 -14.29 -32.93 6.91
CA ASN B 529 -13.04 -32.93 6.17
C ASN B 529 -13.27 -32.67 4.68
N LYS B 530 -14.52 -32.78 4.23
CA LYS B 530 -14.86 -32.64 2.83
C LYS B 530 -14.67 -31.20 2.34
N VAL B 531 -14.02 -31.05 1.19
CA VAL B 531 -14.00 -29.76 0.48
C VAL B 531 -15.19 -29.72 -0.45
N THR B 532 -15.95 -28.63 -0.40
CA THR B 532 -17.05 -28.42 -1.33
C THR B 532 -16.79 -27.03 -1.93
N ASP B 533 -17.68 -26.50 -2.77
CA ASP B 533 -17.44 -25.20 -3.37
C ASP B 533 -17.65 -24.06 -2.37
N ALA B 534 -18.22 -24.37 -1.20
CA ALA B 534 -18.26 -23.41 -0.12
C ALA B 534 -16.86 -23.04 0.36
N GLU B 535 -15.97 -24.04 0.45
CA GLU B 535 -14.60 -23.78 0.87
C GLU B 535 -13.74 -23.25 -0.27
N ILE B 536 -14.06 -23.60 -1.52
CA ILE B 536 -13.28 -23.13 -2.66
C ILE B 536 -13.50 -21.65 -2.93
N ALA B 537 -14.74 -21.18 -2.96
CA ALA B 537 -15.02 -19.77 -3.10
C ALA B 537 -14.63 -18.96 -1.87
N GLU B 538 -14.52 -19.60 -0.70
CA GLU B 538 -14.06 -18.89 0.49
C GLU B 538 -12.58 -18.57 0.41
N VAL B 539 -11.78 -19.47 -0.17
CA VAL B 539 -10.37 -19.20 -0.38
C VAL B 539 -10.20 -18.15 -1.47
N LEU B 540 -11.02 -18.24 -2.52
CA LEU B 540 -10.96 -17.29 -3.61
C LEU B 540 -11.49 -15.90 -3.22
N ALA B 541 -12.46 -15.83 -2.32
CA ALA B 541 -12.84 -14.54 -1.76
C ALA B 541 -11.74 -13.98 -0.88
N ARG B 542 -10.98 -14.84 -0.22
CA ARG B 542 -9.82 -14.42 0.55
C ARG B 542 -8.64 -14.05 -0.33
N TRP B 543 -8.68 -14.40 -1.61
CA TRP B 543 -7.64 -14.01 -2.56
C TRP B 543 -7.95 -12.73 -3.31
N THR B 544 -9.12 -12.66 -3.95
CA THR B 544 -9.48 -11.55 -4.81
C THR B 544 -10.44 -10.57 -4.14
N GLY B 545 -11.49 -11.07 -3.50
CA GLY B 545 -12.40 -10.19 -2.80
C GLY B 545 -13.82 -10.23 -3.29
N ILE B 546 -14.13 -11.18 -4.16
CA ILE B 546 -15.47 -11.28 -4.74
C ILE B 546 -16.31 -12.25 -3.91
N PRO B 547 -17.35 -11.77 -3.21
CA PRO B 547 -18.18 -12.58 -2.30
C PRO B 547 -19.43 -13.22 -2.92
N VAL B 548 -19.20 -14.16 -3.83
CA VAL B 548 -20.28 -14.97 -4.40
C VAL B 548 -20.36 -16.34 -3.73
N SER B 549 -19.89 -16.43 -2.48
CA SER B 549 -19.49 -17.67 -1.80
C SER B 549 -20.60 -18.72 -1.68
N ARG B 550 -21.64 -18.43 -0.91
CA ARG B 550 -22.75 -19.36 -0.76
C ARG B 550 -24.05 -18.59 -0.62
N MET B 551 -25.12 -19.17 -1.17
CA MET B 551 -26.45 -18.57 -1.12
C MET B 551 -27.20 -18.87 0.18
N MET B 552 -26.53 -19.47 1.17
CA MET B 552 -27.12 -19.71 2.47
C MET B 552 -26.91 -18.51 3.40
N GLU B 553 -26.32 -17.43 2.86
CA GLU B 553 -26.33 -16.12 3.49
C GLU B 553 -27.68 -15.44 3.29
N SER B 554 -27.73 -14.13 3.49
CA SER B 554 -28.95 -13.38 3.16
C SER B 554 -29.02 -13.04 1.66
N GLU B 555 -28.34 -13.81 0.81
CA GLU B 555 -28.38 -13.56 -0.63
C GLU B 555 -29.74 -13.92 -1.23
N ARG B 556 -30.43 -14.91 -0.66
CA ARG B 556 -31.81 -15.19 -1.04
C ARG B 556 -32.72 -14.04 -0.65
N GLU B 557 -32.45 -13.42 0.49
CA GLU B 557 -33.06 -12.16 0.93
C GLU B 557 -32.64 -10.98 0.05
N LYS B 558 -31.53 -11.11 -0.69
CA LYS B 558 -30.89 -10.03 -1.43
C LYS B 558 -31.16 -10.06 -2.93
N LEU B 559 -31.43 -11.23 -3.52
CA LEU B 559 -31.48 -11.31 -4.98
C LEU B 559 -32.78 -10.77 -5.57
N LEU B 560 -33.91 -10.85 -4.87
CA LEU B 560 -35.12 -10.25 -5.39
C LEU B 560 -35.35 -8.86 -4.79
N ARG B 561 -34.80 -8.63 -3.60
CA ARG B 561 -34.80 -7.30 -2.99
C ARG B 561 -33.57 -6.49 -3.41
N MET B 562 -33.09 -6.79 -4.62
CA MET B 562 -31.98 -6.09 -5.25
C MET B 562 -32.38 -4.70 -5.71
N GLU B 563 -33.67 -4.45 -5.92
CA GLU B 563 -34.14 -3.15 -6.38
C GLU B 563 -34.44 -2.22 -5.21
N GLN B 564 -34.75 -2.81 -4.04
CA GLN B 564 -35.13 -2.02 -2.87
C GLN B 564 -33.96 -1.80 -1.93
N GLU B 565 -32.93 -2.65 -2.01
CA GLU B 565 -31.70 -2.37 -1.28
C GLU B 565 -30.99 -1.15 -1.84
N LEU B 566 -31.11 -0.89 -3.13
CA LEU B 566 -30.64 0.38 -3.67
C LEU B 566 -31.49 1.53 -3.17
N HIS B 567 -32.80 1.31 -2.98
CA HIS B 567 -33.71 2.32 -2.46
C HIS B 567 -33.42 2.69 -1.00
N HIS B 568 -32.63 1.89 -0.28
CA HIS B 568 -32.18 2.28 1.05
C HIS B 568 -31.32 3.54 1.03
N ARG B 569 -30.54 3.74 -0.03
CA ARG B 569 -29.71 4.92 -0.18
C ARG B 569 -29.88 5.64 -1.51
N VAL B 570 -30.82 5.22 -2.35
CA VAL B 570 -31.23 5.99 -3.53
C VAL B 570 -32.72 6.27 -3.37
N ILE B 571 -33.04 7.48 -2.94
CA ILE B 571 -34.42 7.80 -2.60
C ILE B 571 -35.18 8.14 -3.87
N GLY B 572 -36.29 7.45 -4.09
CA GLY B 572 -37.03 7.60 -5.32
C GLY B 572 -36.25 6.96 -6.46
N GLN B 573 -36.39 7.56 -7.64
CA GLN B 573 -35.72 7.14 -8.88
C GLN B 573 -36.02 5.68 -9.21
N ASN B 574 -37.32 5.40 -9.35
CA ASN B 574 -37.78 4.05 -9.65
C ASN B 574 -37.42 3.62 -11.06
N GLU B 575 -37.29 4.57 -11.99
CA GLU B 575 -36.83 4.21 -13.33
C GLU B 575 -35.32 3.98 -13.32
N ALA B 576 -34.61 4.57 -12.36
CA ALA B 576 -33.17 4.40 -12.29
C ALA B 576 -32.79 3.02 -11.76
N VAL B 577 -33.40 2.60 -10.65
CA VAL B 577 -33.01 1.31 -10.10
C VAL B 577 -33.61 0.17 -10.90
N ASP B 578 -34.73 0.38 -11.59
CA ASP B 578 -35.27 -0.72 -12.39
C ASP B 578 -34.53 -0.87 -13.71
N ALA B 579 -33.59 0.01 -14.01
CA ALA B 579 -32.66 -0.16 -15.11
C ALA B 579 -31.34 -0.76 -14.67
N VAL B 580 -30.86 -0.44 -13.47
CA VAL B 580 -29.56 -0.95 -13.06
C VAL B 580 -29.68 -2.26 -12.29
N SER B 581 -30.73 -2.44 -11.50
CA SER B 581 -30.92 -3.68 -10.77
C SER B 581 -31.44 -4.78 -11.66
N ASN B 582 -32.04 -4.43 -12.79
CA ASN B 582 -32.52 -5.45 -13.71
C ASN B 582 -31.43 -5.86 -14.68
N ALA B 583 -30.42 -5.01 -14.85
CA ALA B 583 -29.28 -5.36 -15.67
C ALA B 583 -28.23 -6.16 -14.93
N ILE B 584 -28.09 -5.95 -13.61
CA ILE B 584 -27.14 -6.74 -12.82
C ILE B 584 -27.78 -7.97 -12.22
N ARG B 585 -29.09 -8.15 -12.39
CA ARG B 585 -29.72 -9.44 -12.20
C ARG B 585 -29.69 -10.27 -13.48
N ARG B 586 -29.59 -9.58 -14.63
CA ARG B 586 -29.51 -10.21 -15.93
C ARG B 586 -28.21 -10.95 -16.15
N SER B 587 -27.16 -10.61 -15.40
CA SER B 587 -25.86 -11.25 -15.54
C SER B 587 -25.58 -12.24 -14.43
N ARG B 588 -26.13 -12.03 -13.23
CA ARG B 588 -26.04 -13.02 -12.17
C ARG B 588 -26.86 -14.26 -12.47
N ALA B 589 -27.85 -14.16 -13.36
CA ALA B 589 -28.52 -15.33 -13.90
C ALA B 589 -27.80 -15.91 -15.10
N GLY B 590 -26.61 -15.43 -15.43
CA GLY B 590 -25.82 -15.97 -16.52
C GLY B 590 -26.41 -15.76 -17.89
N LEU B 591 -27.24 -14.74 -18.04
CA LEU B 591 -28.03 -14.54 -19.25
C LEU B 591 -27.53 -13.36 -20.08
N ALA B 592 -26.62 -12.56 -19.54
CA ALA B 592 -26.09 -11.39 -20.24
C ALA B 592 -24.96 -11.81 -21.16
N ASP B 593 -24.58 -10.91 -22.07
CA ASP B 593 -23.58 -11.09 -23.12
C ASP B 593 -22.19 -11.09 -22.50
N PRO B 594 -21.39 -12.15 -22.71
CA PRO B 594 -20.04 -12.17 -22.14
C PRO B 594 -18.99 -11.46 -22.98
N ASN B 595 -19.42 -10.70 -23.99
CA ASN B 595 -18.54 -9.87 -24.78
C ASN B 595 -19.09 -8.45 -24.79
N ARG B 596 -19.42 -7.97 -23.60
CA ARG B 596 -20.15 -6.73 -23.30
C ARG B 596 -20.09 -6.56 -21.78
N PRO B 597 -20.05 -5.34 -21.27
CA PRO B 597 -20.10 -5.14 -19.81
C PRO B 597 -21.44 -5.55 -19.21
N ILE B 598 -21.48 -5.51 -17.88
CA ILE B 598 -22.68 -5.93 -17.16
C ILE B 598 -23.79 -4.90 -17.35
N GLY B 599 -23.42 -3.63 -17.47
CA GLY B 599 -24.41 -2.60 -17.70
C GLY B 599 -23.80 -1.37 -18.32
N SER B 600 -24.50 -0.77 -19.27
CA SER B 600 -24.05 0.41 -19.97
C SER B 600 -25.13 1.47 -19.86
N PHE B 601 -24.95 2.42 -18.96
CA PHE B 601 -26.05 3.32 -18.64
C PHE B 601 -25.72 4.74 -19.05
N LEU B 602 -26.74 5.46 -19.49
CA LEU B 602 -26.62 6.89 -19.73
C LEU B 602 -27.57 7.55 -18.74
N PHE B 603 -27.01 8.17 -17.72
CA PHE B 603 -27.79 8.76 -16.64
C PHE B 603 -28.06 10.24 -16.89
N LEU B 604 -28.62 10.59 -18.05
CA LEU B 604 -28.89 11.98 -18.35
C LEU B 604 -30.09 12.45 -17.56
N GLY B 605 -30.05 13.71 -17.13
CA GLY B 605 -31.00 14.22 -16.17
C GLY B 605 -30.34 15.21 -15.23
N PRO B 606 -31.08 15.66 -14.21
CA PRO B 606 -30.61 16.79 -13.41
C PRO B 606 -29.53 16.42 -12.41
N THR B 607 -28.89 17.44 -11.87
CA THR B 607 -27.73 17.29 -11.02
C THR B 607 -28.14 17.21 -9.55
N GLY B 608 -27.62 16.21 -8.84
CA GLY B 608 -27.95 16.04 -7.45
C GLY B 608 -29.23 15.29 -7.21
N VAL B 609 -29.53 14.32 -8.07
CA VAL B 609 -30.80 13.61 -8.02
C VAL B 609 -30.62 12.14 -7.61
N GLY B 610 -29.41 11.60 -7.74
CA GLY B 610 -29.20 10.18 -7.48
C GLY B 610 -28.33 9.57 -8.55
N LYS B 611 -27.71 10.43 -9.36
CA LYS B 611 -26.84 9.95 -10.43
C LYS B 611 -25.56 9.36 -9.84
N THR B 612 -24.77 10.19 -9.16
CA THR B 612 -23.51 9.74 -8.58
C THR B 612 -23.74 8.85 -7.36
N GLU B 613 -24.92 8.95 -6.76
CA GLU B 613 -25.22 8.22 -5.53
C GLU B 613 -25.62 6.79 -5.80
N LEU B 614 -26.26 6.52 -6.94
CA LEU B 614 -26.65 5.16 -7.25
C LEU B 614 -25.45 4.30 -7.60
N CYS B 615 -24.44 4.89 -8.24
CA CYS B 615 -23.25 4.14 -8.59
C CYS B 615 -22.44 3.77 -7.35
N LYS B 616 -22.47 4.62 -6.33
CA LYS B 616 -21.94 4.21 -5.03
C LYS B 616 -22.78 3.09 -4.44
N ALA B 617 -24.10 3.14 -4.62
CA ALA B 617 -24.97 2.06 -4.16
C ALA B 617 -24.75 0.80 -4.97
N LEU B 618 -24.51 0.95 -6.28
CA LEU B 618 -24.32 -0.21 -7.15
C LEU B 618 -22.98 -0.86 -6.90
N ALA B 619 -21.97 -0.08 -6.52
CA ALA B 619 -20.71 -0.66 -6.09
C ALA B 619 -20.84 -1.28 -4.71
N ASN B 620 -21.64 -0.66 -3.83
CA ASN B 620 -21.84 -1.21 -2.49
C ASN B 620 -22.83 -2.37 -2.50
N PHE B 621 -23.43 -2.67 -3.64
CA PHE B 621 -24.21 -3.90 -3.74
C PHE B 621 -23.39 -5.03 -4.34
N MET B 622 -22.90 -4.83 -5.56
CA MET B 622 -22.30 -5.90 -6.35
C MET B 622 -20.96 -6.34 -5.78
N PHE B 623 -20.04 -5.40 -5.63
CA PHE B 623 -18.73 -5.65 -5.07
C PHE B 623 -18.63 -5.16 -3.63
N ASP B 624 -19.79 -4.87 -3.01
CA ASP B 624 -20.05 -4.41 -1.64
C ASP B 624 -18.96 -3.50 -1.05
N SER B 625 -18.52 -2.55 -1.86
CA SER B 625 -17.61 -1.50 -1.41
C SER B 625 -17.79 -0.33 -2.36
N ASP B 626 -18.31 0.78 -1.86
CA ASP B 626 -18.50 1.97 -2.67
C ASP B 626 -17.19 2.70 -2.99
N GLU B 627 -16.06 2.19 -2.50
CA GLU B 627 -14.73 2.58 -2.93
C GLU B 627 -14.32 1.89 -4.23
N ALA B 628 -15.14 0.97 -4.74
CA ALA B 628 -14.91 0.30 -6.02
C ALA B 628 -15.73 0.94 -7.13
N MET B 629 -15.84 2.26 -7.10
CA MET B 629 -16.49 3.03 -8.15
C MET B 629 -15.45 3.93 -8.78
N VAL B 630 -15.06 3.63 -10.02
CA VAL B 630 -14.01 4.39 -10.69
C VAL B 630 -14.63 5.61 -11.34
N ARG B 631 -14.64 6.72 -10.61
CA ARG B 631 -15.22 7.95 -11.11
C ARG B 631 -14.22 8.63 -12.04
N ILE B 632 -14.68 8.99 -13.23
CA ILE B 632 -13.87 9.70 -14.21
C ILE B 632 -14.67 10.92 -14.64
N ASP B 633 -14.10 12.10 -14.47
CA ASP B 633 -14.81 13.32 -14.82
C ASP B 633 -14.40 13.69 -16.24
N MET B 634 -15.38 13.74 -17.14
CA MET B 634 -15.12 14.03 -18.53
C MET B 634 -15.09 15.51 -18.85
N SER B 635 -14.93 16.38 -17.86
CA SER B 635 -14.58 17.76 -18.19
C SER B 635 -13.08 17.93 -18.29
N GLU B 636 -12.31 16.97 -17.79
CA GLU B 636 -10.86 16.94 -17.97
C GLU B 636 -10.47 16.54 -19.38
N PHE B 637 -11.42 16.07 -20.18
CA PHE B 637 -11.18 15.58 -21.52
C PHE B 637 -11.94 16.44 -22.50
N MET B 638 -11.80 17.76 -22.33
CA MET B 638 -12.48 18.75 -23.15
C MET B 638 -11.95 18.82 -24.58
N GLU B 639 -10.64 18.71 -24.77
CA GLU B 639 -10.06 18.86 -26.09
C GLU B 639 -9.40 17.57 -26.54
N LYS B 640 -9.13 17.50 -27.85
CA LYS B 640 -8.88 16.21 -28.51
C LYS B 640 -7.51 15.63 -28.15
N HIS B 641 -6.54 16.47 -27.77
CA HIS B 641 -5.25 15.93 -27.35
C HIS B 641 -5.35 15.14 -26.05
N SER B 642 -6.35 15.43 -25.21
CA SER B 642 -6.50 14.74 -23.93
C SER B 642 -7.42 13.54 -24.06
N VAL B 643 -7.15 12.68 -25.03
CA VAL B 643 -7.81 11.40 -25.13
C VAL B 643 -6.86 10.25 -24.90
N SER B 644 -5.55 10.47 -25.03
CA SER B 644 -4.53 9.50 -24.68
C SER B 644 -4.19 9.54 -23.21
N ARG B 645 -4.93 10.30 -22.42
CA ARG B 645 -4.81 10.21 -20.98
C ARG B 645 -5.73 9.14 -20.43
N LEU B 646 -6.87 8.91 -21.09
CA LEU B 646 -7.75 7.82 -20.73
C LEU B 646 -7.19 6.49 -21.22
N VAL B 647 -6.74 6.46 -22.47
CA VAL B 647 -6.46 5.19 -23.14
C VAL B 647 -4.97 4.87 -23.07
N GLY B 648 -4.13 5.87 -22.78
CA GLY B 648 -2.71 5.65 -22.71
C GLY B 648 -1.97 6.29 -23.87
N ALA B 649 -0.70 6.62 -23.67
CA ALA B 649 0.08 7.20 -24.74
C ALA B 649 0.68 6.11 -25.61
N PRO B 650 0.95 6.38 -26.89
CA PRO B 650 1.53 5.36 -27.76
C PRO B 650 2.98 5.09 -27.41
N PRO B 651 3.60 4.07 -28.01
CA PRO B 651 5.04 3.84 -27.77
C PRO B 651 5.91 4.97 -28.28
N GLY B 652 6.74 5.50 -27.40
CA GLY B 652 7.64 6.56 -27.74
C GLY B 652 7.20 7.92 -27.30
N TYR B 653 6.08 8.03 -26.58
CA TYR B 653 5.52 9.32 -26.22
C TYR B 653 5.44 9.43 -24.71
N VAL B 654 5.22 10.67 -24.25
CA VAL B 654 5.23 10.94 -22.81
C VAL B 654 4.00 10.33 -22.17
N GLY B 655 4.22 9.60 -21.08
CA GLY B 655 3.14 8.89 -20.44
C GLY B 655 2.82 7.55 -21.05
N TYR B 656 3.77 6.95 -21.76
CA TYR B 656 3.54 5.63 -22.33
C TYR B 656 3.52 4.57 -21.26
N GLU B 657 4.62 4.45 -20.51
CA GLU B 657 4.75 3.40 -19.52
C GLU B 657 3.91 3.67 -18.27
N GLU B 658 3.43 4.89 -18.11
CA GLU B 658 2.47 5.20 -17.06
C GLU B 658 1.17 4.44 -17.30
N GLY B 659 0.55 4.67 -18.45
CA GLY B 659 -0.68 4.00 -18.79
C GLY B 659 -1.75 5.01 -19.09
N GLY B 660 -3.00 4.58 -19.08
CA GLY B 660 -4.12 5.49 -19.20
C GLY B 660 -4.86 5.66 -17.90
N TYR B 661 -5.75 6.64 -17.88
CA TYR B 661 -6.57 6.89 -16.70
C TYR B 661 -7.70 5.87 -16.56
N LEU B 662 -8.23 5.37 -17.68
CA LEU B 662 -9.32 4.41 -17.62
C LEU B 662 -8.81 2.98 -17.70
N THR B 663 -7.85 2.72 -18.57
CA THR B 663 -7.38 1.35 -18.79
C THR B 663 -6.58 0.83 -17.61
N GLU B 664 -5.72 1.66 -17.02
CA GLU B 664 -4.93 1.20 -15.89
C GLU B 664 -5.79 1.09 -14.64
N ALA B 665 -6.82 1.94 -14.52
CA ALA B 665 -7.73 1.85 -13.39
C ALA B 665 -8.58 0.59 -13.44
N VAL B 666 -8.93 0.13 -14.64
CA VAL B 666 -9.68 -1.10 -14.78
C VAL B 666 -8.77 -2.31 -14.61
N ARG B 667 -7.48 -2.14 -14.88
CA ARG B 667 -6.55 -3.21 -14.52
C ARG B 667 -6.34 -3.30 -13.02
N ARG B 668 -6.47 -2.17 -12.30
CA ARG B 668 -6.51 -2.22 -10.84
C ARG B 668 -7.75 -2.96 -10.37
N ARG B 669 -8.92 -2.41 -10.68
CA ARG B 669 -10.19 -3.03 -10.33
C ARG B 669 -10.92 -3.43 -11.59
N PRO B 670 -10.88 -4.69 -11.99
CA PRO B 670 -11.72 -5.13 -13.11
C PRO B 670 -13.18 -5.29 -12.74
N TYR B 671 -13.51 -5.15 -11.46
CA TYR B 671 -14.85 -5.35 -10.94
C TYR B 671 -15.23 -4.04 -10.27
N SER B 672 -15.72 -3.09 -11.07
CA SER B 672 -15.93 -1.75 -10.57
C SER B 672 -17.02 -1.08 -11.40
N VAL B 673 -17.66 -0.07 -10.81
CA VAL B 673 -18.64 0.73 -11.51
C VAL B 673 -17.91 1.95 -12.04
N ILE B 674 -17.76 2.03 -13.36
CA ILE B 674 -17.10 3.19 -13.95
C ILE B 674 -18.12 4.31 -14.08
N LEU B 675 -17.88 5.41 -13.38
CA LEU B 675 -18.66 6.63 -13.56
C LEU B 675 -17.94 7.57 -14.49
N LEU B 676 -18.60 7.93 -15.58
CA LEU B 676 -18.10 8.88 -16.55
C LEU B 676 -18.97 10.11 -16.40
N ASP B 677 -18.47 11.10 -15.67
CA ASP B 677 -19.29 12.20 -15.20
C ASP B 677 -19.32 13.34 -16.21
N GLU B 678 -20.55 13.75 -16.57
CA GLU B 678 -20.83 14.84 -17.51
C GLU B 678 -20.12 14.62 -18.85
N VAL B 679 -20.52 13.54 -19.51
CA VAL B 679 -19.93 13.15 -20.78
C VAL B 679 -20.26 14.12 -21.91
N GLU B 680 -21.31 14.93 -21.77
CA GLU B 680 -21.58 15.96 -22.76
C GLU B 680 -20.53 17.07 -22.77
N LYS B 681 -19.72 17.16 -21.71
CA LYS B 681 -18.62 18.09 -21.65
C LYS B 681 -17.30 17.48 -22.12
N ALA B 682 -17.32 16.26 -22.64
CA ALA B 682 -16.12 15.65 -23.16
C ALA B 682 -15.91 16.14 -24.58
N HIS B 683 -14.83 15.74 -25.16
CA HIS B 683 -14.72 15.97 -26.59
C HIS B 683 -15.62 14.98 -27.31
N PRO B 684 -16.11 15.32 -28.52
CA PRO B 684 -16.85 14.33 -29.31
C PRO B 684 -16.03 13.11 -29.68
N ASP B 685 -14.71 13.26 -29.73
CA ASP B 685 -13.79 12.17 -30.03
C ASP B 685 -13.35 11.41 -28.77
N VAL B 686 -14.11 11.49 -27.69
CA VAL B 686 -13.93 10.58 -26.58
C VAL B 686 -15.07 9.59 -26.47
N PHE B 687 -16.24 9.89 -27.03
CA PHE B 687 -17.23 8.88 -27.28
C PHE B 687 -16.74 7.81 -28.26
N ASN B 688 -15.84 8.18 -29.17
CA ASN B 688 -15.20 7.19 -30.03
C ASN B 688 -14.34 6.21 -29.25
N ILE B 689 -13.59 6.68 -28.26
CA ILE B 689 -12.88 5.80 -27.34
C ILE B 689 -13.88 4.95 -26.56
N LEU B 690 -15.08 5.49 -26.32
CA LEU B 690 -16.11 4.81 -25.56
C LEU B 690 -17.13 4.11 -26.43
N LEU B 691 -16.74 3.65 -27.61
CA LEU B 691 -17.59 2.79 -28.41
C LEU B 691 -17.22 1.32 -28.23
N GLN B 692 -15.97 1.03 -27.91
CA GLN B 692 -15.50 -0.33 -27.75
C GLN B 692 -15.73 -0.87 -26.36
N VAL B 693 -15.71 -0.01 -25.33
CA VAL B 693 -16.06 -0.45 -24.00
C VAL B 693 -17.52 -0.85 -23.94
N LEU B 694 -18.38 -0.16 -24.67
CA LEU B 694 -19.80 -0.48 -24.62
C LEU B 694 -20.15 -1.68 -25.47
N ASP B 695 -19.62 -1.73 -26.69
CA ASP B 695 -19.96 -2.80 -27.62
C ASP B 695 -19.29 -4.12 -27.29
N ASP B 696 -18.00 -4.11 -26.96
CA ASP B 696 -17.29 -5.35 -26.74
C ASP B 696 -16.70 -5.50 -25.36
N GLY B 697 -16.69 -4.45 -24.55
CA GLY B 697 -16.12 -4.59 -23.23
C GLY B 697 -14.61 -4.65 -23.27
N ARG B 698 -14.00 -3.97 -24.23
CA ARG B 698 -12.56 -3.99 -24.36
C ARG B 698 -12.08 -2.56 -24.57
N LEU B 699 -10.86 -2.29 -24.12
CA LEU B 699 -10.19 -1.03 -24.44
C LEU B 699 -8.71 -1.37 -24.44
N THR B 700 -8.03 -1.09 -25.54
CA THR B 700 -6.62 -1.41 -25.63
C THR B 700 -5.82 -0.24 -25.07
N ASP B 701 -4.87 -0.52 -24.20
CA ASP B 701 -3.98 0.49 -23.68
C ASP B 701 -3.03 0.99 -24.77
N GLY B 702 -2.28 2.04 -24.44
CA GLY B 702 -1.28 2.52 -25.37
C GLY B 702 -0.11 1.56 -25.53
N GLN B 703 0.08 0.67 -24.56
CA GLN B 703 1.11 -0.35 -24.66
C GLN B 703 0.60 -1.63 -25.29
N GLY B 704 -0.54 -1.59 -25.98
CA GLY B 704 -1.02 -2.74 -26.71
C GLY B 704 -1.64 -3.82 -25.87
N ARG B 705 -1.83 -3.58 -24.57
CA ARG B 705 -2.55 -4.51 -23.73
C ARG B 705 -4.01 -4.10 -23.65
N THR B 706 -4.90 -5.09 -23.74
CA THR B 706 -6.33 -4.85 -23.76
C THR B 706 -6.85 -5.03 -22.35
N VAL B 707 -7.67 -4.08 -21.90
CA VAL B 707 -8.29 -4.24 -20.59
C VAL B 707 -9.72 -4.69 -20.84
N ASP B 708 -10.30 -5.39 -19.87
CA ASP B 708 -11.52 -6.15 -20.08
C ASP B 708 -12.62 -5.54 -19.22
N PHE B 709 -13.61 -4.92 -19.86
CA PHE B 709 -14.70 -4.26 -19.18
C PHE B 709 -15.90 -5.16 -18.97
N ARG B 710 -15.77 -6.47 -19.18
CA ARG B 710 -16.90 -7.37 -19.15
C ARG B 710 -17.48 -7.60 -17.76
N ASN B 711 -16.74 -7.20 -16.72
CA ASN B 711 -17.23 -7.27 -15.35
C ASN B 711 -17.57 -5.90 -14.78
N THR B 712 -17.28 -4.83 -15.51
CA THR B 712 -17.55 -3.49 -15.01
C THR B 712 -18.96 -3.06 -15.40
N VAL B 713 -19.44 -2.01 -14.74
CA VAL B 713 -20.70 -1.36 -15.06
C VAL B 713 -20.36 0.06 -15.48
N VAL B 714 -20.57 0.38 -16.74
CA VAL B 714 -20.18 1.69 -17.25
C VAL B 714 -21.38 2.62 -17.20
N ILE B 715 -21.41 3.49 -16.21
CA ILE B 715 -22.50 4.43 -16.03
C ILE B 715 -22.02 5.82 -16.41
N MET B 716 -22.81 6.52 -17.23
CA MET B 716 -22.38 7.78 -17.82
C MET B 716 -23.42 8.83 -17.51
N THR B 717 -23.17 9.66 -16.50
CA THR B 717 -24.10 10.74 -16.22
C THR B 717 -23.88 11.88 -17.21
N SER B 718 -24.95 12.59 -17.52
CA SER B 718 -24.89 13.68 -18.48
C SER B 718 -25.93 14.71 -18.09
N ASN B 719 -25.79 15.91 -18.64
CA ASN B 719 -26.76 16.99 -18.45
C ASN B 719 -27.22 17.54 -19.78
N LEU B 720 -27.40 16.68 -20.77
CA LEU B 720 -27.62 17.11 -22.14
C LEU B 720 -29.09 17.39 -22.44
N GLY B 721 -30.02 16.80 -21.68
CA GLY B 721 -31.42 17.07 -21.90
C GLY B 721 -32.12 17.59 -20.66
N SER B 722 -31.31 17.95 -19.66
CA SER B 722 -31.77 18.27 -18.31
C SER B 722 -32.73 19.45 -18.23
N ASP B 723 -32.66 20.38 -19.19
CA ASP B 723 -33.61 21.49 -19.20
C ASP B 723 -35.01 21.01 -19.54
N LEU B 724 -35.11 19.99 -20.38
CA LEU B 724 -36.38 19.42 -20.78
C LEU B 724 -36.77 18.20 -19.95
N ILE B 725 -35.82 17.63 -19.21
CA ILE B 725 -36.16 16.59 -18.25
C ILE B 725 -36.88 17.19 -17.04
N GLN B 726 -36.43 18.35 -16.57
CA GLN B 726 -36.93 18.90 -15.31
C GLN B 726 -38.32 19.50 -15.46
N GLU B 727 -38.63 20.09 -16.61
CA GLU B 727 -39.91 20.78 -16.72
C GLU B 727 -41.07 19.83 -16.98
N ARG B 728 -40.82 18.64 -17.52
CA ARG B 728 -41.88 17.72 -17.92
C ARG B 728 -42.04 16.48 -17.03
N PHE B 729 -41.56 16.48 -15.77
CA PHE B 729 -41.58 15.23 -15.02
C PHE B 729 -42.92 14.96 -14.34
N GLY B 730 -43.66 16.01 -14.02
CA GLY B 730 -44.96 15.86 -13.39
C GLY B 730 -46.06 16.03 -14.41
N GLU B 731 -45.66 15.97 -15.68
CA GLU B 731 -46.57 16.06 -16.82
C GLU B 731 -46.59 14.72 -17.56
N LEU B 732 -45.43 14.25 -17.99
CA LEU B 732 -45.28 13.00 -18.73
C LEU B 732 -44.81 11.91 -17.78
N ASP B 733 -45.71 11.01 -17.41
CA ASP B 733 -45.62 10.14 -16.24
C ASP B 733 -44.32 9.37 -16.02
N TYR B 734 -44.02 8.40 -16.89
CA TYR B 734 -42.81 7.61 -16.66
C TYR B 734 -42.08 7.17 -17.92
N ALA B 735 -42.55 7.51 -19.11
CA ALA B 735 -41.98 6.97 -20.33
C ALA B 735 -41.81 7.99 -21.44
N HIS B 736 -42.44 9.16 -21.34
CA HIS B 736 -42.39 10.08 -22.47
C HIS B 736 -41.21 11.03 -22.38
N MET B 737 -40.46 11.01 -21.27
CA MET B 737 -39.16 11.68 -21.25
C MET B 737 -38.14 10.90 -22.07
N LYS B 738 -38.34 9.58 -22.19
CA LYS B 738 -37.47 8.79 -23.07
C LYS B 738 -37.72 9.13 -24.53
N GLU B 739 -38.98 9.11 -24.97
CA GLU B 739 -39.26 9.41 -26.36
C GLU B 739 -39.19 10.92 -26.61
N LEU B 740 -39.01 11.30 -27.87
CA LEU B 740 -39.26 12.64 -28.41
C LEU B 740 -38.42 13.78 -27.82
N VAL B 741 -37.53 13.49 -26.87
CA VAL B 741 -36.48 14.45 -26.55
C VAL B 741 -35.31 14.21 -27.48
N LEU B 742 -35.25 13.02 -28.06
CA LEU B 742 -34.17 12.57 -28.92
C LEU B 742 -34.48 12.91 -30.38
N GLY B 743 -33.81 13.91 -30.94
CA GLY B 743 -34.00 14.21 -32.34
C GLY B 743 -34.08 15.68 -32.72
N VAL B 744 -34.64 16.52 -31.85
CA VAL B 744 -34.61 17.95 -32.09
C VAL B 744 -33.27 18.51 -31.61
N VAL B 745 -32.98 18.31 -30.34
CA VAL B 745 -31.78 18.87 -29.73
C VAL B 745 -30.83 17.78 -29.24
N SER B 746 -31.36 16.65 -28.76
CA SER B 746 -30.54 15.68 -28.05
C SER B 746 -29.74 14.77 -28.99
N HIS B 747 -29.17 13.70 -28.43
CA HIS B 747 -28.21 12.86 -29.12
C HIS B 747 -28.97 11.87 -29.99
N ASN B 748 -29.07 12.18 -31.28
CA ASN B 748 -29.34 11.12 -32.25
C ASN B 748 -28.46 11.31 -33.49
N PHE B 749 -27.94 12.52 -33.67
CA PHE B 749 -27.15 12.89 -34.85
C PHE B 749 -25.85 12.10 -34.94
N ARG B 750 -25.35 11.65 -33.80
CA ARG B 750 -24.19 10.78 -33.71
C ARG B 750 -24.68 9.42 -33.22
N PRO B 751 -25.20 8.58 -34.14
CA PRO B 751 -26.14 7.51 -33.74
C PRO B 751 -25.50 6.23 -33.25
N GLU B 752 -24.20 6.05 -33.46
CA GLU B 752 -23.51 4.82 -33.12
C GLU B 752 -23.33 4.64 -31.63
N PHE B 753 -23.50 5.69 -30.84
CA PHE B 753 -23.29 5.67 -29.40
C PHE B 753 -24.56 5.39 -28.62
N ILE B 754 -25.71 5.82 -29.13
CA ILE B 754 -26.98 5.60 -28.44
C ILE B 754 -27.37 4.14 -28.36
N ASN B 755 -27.20 3.38 -29.44
CA ASN B 755 -27.62 2.00 -29.44
C ASN B 755 -26.63 1.07 -28.73
N ARG B 756 -25.43 1.57 -28.41
CA ARG B 756 -24.52 0.77 -27.60
C ARG B 756 -24.82 0.92 -26.12
N ILE B 757 -25.60 1.93 -25.73
CA ILE B 757 -26.05 2.07 -24.36
C ILE B 757 -27.08 0.99 -24.04
N ASP B 758 -26.90 0.32 -22.90
CA ASP B 758 -27.86 -0.71 -22.49
C ASP B 758 -29.22 -0.11 -22.19
N GLU B 759 -29.31 0.77 -21.20
CA GLU B 759 -30.56 1.47 -20.91
C GLU B 759 -30.25 2.95 -20.72
N VAL B 760 -30.84 3.78 -21.58
CA VAL B 760 -30.82 5.23 -21.38
C VAL B 760 -31.80 5.55 -20.26
N VAL B 761 -31.30 6.19 -19.20
CA VAL B 761 -32.06 6.38 -17.98
C VAL B 761 -32.26 7.88 -17.76
N VAL B 762 -33.50 8.31 -17.64
CA VAL B 762 -33.81 9.69 -17.35
C VAL B 762 -34.21 9.80 -15.88
N PHE B 763 -33.92 10.94 -15.27
CA PHE B 763 -34.06 11.08 -13.83
C PHE B 763 -35.15 12.11 -13.50
N HIS B 764 -36.17 11.68 -12.77
CA HIS B 764 -37.17 12.67 -12.39
C HIS B 764 -36.66 13.52 -11.23
N PRO B 765 -36.86 14.84 -11.28
CA PRO B 765 -36.38 15.70 -10.20
C PRO B 765 -37.10 15.45 -8.88
N LEU B 766 -36.41 15.79 -7.80
CA LEU B 766 -36.88 15.43 -6.47
C LEU B 766 -37.83 16.49 -5.93
N GLY B 767 -38.98 16.05 -5.45
CA GLY B 767 -39.89 16.92 -4.75
C GLY B 767 -39.56 17.01 -3.28
N GLU B 768 -40.55 17.44 -2.49
CA GLU B 768 -40.36 17.50 -1.05
C GLU B 768 -40.53 16.12 -0.42
N GLN B 769 -41.22 15.21 -1.11
CA GLN B 769 -41.40 13.83 -0.66
C GLN B 769 -40.08 13.08 -0.53
N HIS B 770 -39.09 13.42 -1.33
CA HIS B 770 -37.86 12.66 -1.36
C HIS B 770 -36.76 13.30 -0.51
N ILE B 771 -36.69 14.63 -0.49
CA ILE B 771 -35.59 15.28 0.23
C ILE B 771 -35.82 15.20 1.73
N ALA B 772 -37.07 15.00 2.17
CA ALA B 772 -37.31 14.67 3.57
C ALA B 772 -36.81 13.27 3.91
N SER B 773 -36.77 12.41 2.91
CA SER B 773 -36.30 11.04 3.10
C SER B 773 -34.82 10.92 2.74
N ILE B 774 -34.33 11.89 1.99
CA ILE B 774 -32.93 11.91 1.57
C ILE B 774 -32.05 12.58 2.63
N ALA B 775 -32.67 13.45 3.41
CA ALA B 775 -31.95 14.17 4.47
C ALA B 775 -32.14 13.48 5.82
N GLN B 776 -31.90 12.17 5.85
CA GLN B 776 -32.04 11.39 7.07
C GLN B 776 -30.83 10.50 7.29
N ILE B 777 -30.03 10.31 6.25
CA ILE B 777 -28.84 9.48 6.32
C ILE B 777 -27.57 10.32 6.27
N GLN B 778 -27.62 11.50 6.87
CA GLN B 778 -26.48 12.41 6.89
C GLN B 778 -25.40 11.91 7.84
N LEU B 779 -25.83 11.42 9.01
CA LEU B 779 -24.91 10.91 10.01
C LEU B 779 -25.33 9.52 10.48
N LYS B 780 -26.07 8.82 9.64
CA LYS B 780 -26.55 7.48 9.96
C LYS B 780 -25.44 6.43 10.06
N ARG B 781 -24.36 6.56 9.30
CA ARG B 781 -23.30 5.57 9.41
C ARG B 781 -22.34 5.90 10.55
N LEU B 782 -22.19 7.19 10.87
CA LEU B 782 -21.40 7.59 12.04
C LEU B 782 -22.20 7.42 13.33
N TYR B 783 -23.53 7.25 13.20
CA TYR B 783 -24.46 7.01 14.31
C TYR B 783 -24.11 5.78 15.14
N LYS B 784 -23.38 4.81 14.60
CA LYS B 784 -23.24 3.50 15.24
C LYS B 784 -21.96 3.44 16.07
N ARG B 785 -21.34 4.59 16.33
CA ARG B 785 -20.12 4.63 17.13
C ARG B 785 -20.18 5.66 18.25
N LEU B 786 -20.83 6.80 18.04
CA LEU B 786 -20.58 8.00 18.84
C LEU B 786 -21.66 8.23 19.90
N GLU B 787 -22.17 7.16 20.51
CA GLU B 787 -23.23 7.33 21.49
C GLU B 787 -22.71 7.75 22.86
N GLU B 788 -21.62 7.11 23.33
CA GLU B 788 -21.21 7.29 24.72
C GLU B 788 -20.48 8.62 24.94
N ARG B 789 -20.10 9.32 23.86
CA ARG B 789 -19.54 10.67 23.94
C ARG B 789 -20.50 11.67 24.57
N GLY B 790 -21.81 11.48 24.39
CA GLY B 790 -22.79 12.40 24.92
C GLY B 790 -23.78 12.82 23.84
N TYR B 791 -23.78 12.09 22.73
CA TYR B 791 -24.67 12.37 21.62
C TYR B 791 -25.55 11.17 21.31
N GLU B 792 -26.86 11.37 21.46
CA GLU B 792 -27.86 10.57 20.76
C GLU B 792 -29.06 11.47 20.53
N ILE B 793 -29.40 11.68 19.26
CA ILE B 793 -30.45 12.63 18.87
C ILE B 793 -31.52 11.88 18.08
N HIS B 794 -32.77 12.14 18.43
CA HIS B 794 -33.93 11.63 17.71
C HIS B 794 -34.42 12.72 16.76
N ILE B 795 -35.38 12.38 15.91
CA ILE B 795 -35.81 13.26 14.84
C ILE B 795 -36.56 14.46 15.41
N SER B 796 -36.05 15.64 15.09
CA SER B 796 -36.77 16.88 15.33
C SER B 796 -37.55 17.27 14.07
N ASP B 797 -38.77 17.74 14.26
CA ASP B 797 -39.74 17.89 13.18
C ASP B 797 -40.07 19.33 12.86
N GLU B 798 -39.39 20.29 13.47
CA GLU B 798 -39.71 21.70 13.25
C GLU B 798 -38.74 22.37 12.29
N ALA B 799 -37.47 21.95 12.29
CA ALA B 799 -36.46 22.47 11.39
C ALA B 799 -36.33 21.67 10.10
N LEU B 800 -37.39 20.95 9.72
CA LEU B 800 -37.39 20.20 8.47
C LEU B 800 -37.36 21.09 7.25
N LYS B 801 -38.07 22.22 7.27
CA LYS B 801 -38.15 23.07 6.10
C LYS B 801 -37.11 24.18 6.07
N LEU B 802 -36.30 24.30 7.13
CA LEU B 802 -35.13 25.17 7.05
C LEU B 802 -34.09 24.62 6.07
N LEU B 803 -33.95 23.30 6.02
CA LEU B 803 -33.07 22.68 5.05
C LEU B 803 -33.76 22.48 3.71
N SER B 804 -35.09 22.44 3.72
CA SER B 804 -35.89 22.28 2.51
C SER B 804 -36.20 23.60 1.82
N GLU B 805 -35.50 24.67 2.16
CA GLU B 805 -35.61 25.94 1.45
C GLU B 805 -34.37 26.23 0.61
N ASN B 806 -33.19 25.85 1.08
CA ASN B 806 -31.96 25.92 0.31
C ASN B 806 -31.63 24.58 -0.37
N GLY B 807 -31.99 23.46 0.26
CA GLY B 807 -31.66 22.16 -0.29
C GLY B 807 -32.62 21.65 -1.35
N TYR B 808 -33.92 21.75 -1.10
CA TYR B 808 -34.95 21.33 -2.06
C TYR B 808 -35.00 22.39 -3.15
N ASP B 809 -34.35 22.09 -4.28
CA ASP B 809 -34.21 23.04 -5.37
C ASP B 809 -34.82 22.43 -6.62
N PRO B 810 -35.70 23.15 -7.34
CA PRO B 810 -36.13 22.64 -8.65
C PRO B 810 -35.08 22.83 -9.72
N VAL B 811 -34.17 23.79 -9.54
CA VAL B 811 -33.21 24.12 -10.59
C VAL B 811 -31.89 23.40 -10.36
N TYR B 812 -31.26 23.61 -9.21
CA TYR B 812 -29.90 23.17 -8.96
C TYR B 812 -29.82 21.79 -8.32
N GLY B 813 -30.92 21.29 -7.78
CA GLY B 813 -30.96 19.94 -7.26
C GLY B 813 -30.75 19.86 -5.76
N ALA B 814 -30.48 18.64 -5.30
CA ALA B 814 -30.35 18.36 -3.88
C ALA B 814 -28.90 18.33 -3.41
N ARG B 815 -27.94 18.64 -4.27
CA ARG B 815 -26.56 18.77 -3.83
C ARG B 815 -26.27 19.95 -2.88
N PRO B 816 -27.04 21.11 -2.83
CA PRO B 816 -26.75 22.07 -1.74
C PRO B 816 -27.21 21.64 -0.35
N LEU B 817 -27.80 20.45 -0.22
CA LEU B 817 -28.07 19.85 1.08
C LEU B 817 -26.79 19.41 1.79
N LYS B 818 -25.76 18.99 1.06
CA LYS B 818 -24.50 18.65 1.71
C LYS B 818 -23.78 19.88 2.22
N ARG B 819 -23.96 21.03 1.58
CA ARG B 819 -23.49 22.26 2.21
C ARG B 819 -24.45 22.72 3.31
N ALA B 820 -25.71 22.28 3.30
CA ALA B 820 -26.65 22.63 4.36
C ALA B 820 -26.43 21.84 5.65
N ILE B 821 -25.32 21.13 5.80
CA ILE B 821 -24.83 20.74 7.12
C ILE B 821 -23.55 21.48 7.48
N GLN B 822 -22.77 21.84 6.46
CA GLN B 822 -21.54 22.62 6.60
C GLN B 822 -21.80 24.12 6.76
N GLN B 823 -23.02 24.57 6.46
CA GLN B 823 -23.38 25.98 6.59
C GLN B 823 -24.48 26.20 7.61
N GLN B 824 -25.27 25.17 7.93
CA GLN B 824 -26.48 25.35 8.70
C GLN B 824 -26.41 24.80 10.12
N ILE B 825 -25.73 23.68 10.34
CA ILE B 825 -25.77 22.97 11.62
C ILE B 825 -24.43 23.01 12.35
N GLU B 826 -23.32 23.06 11.60
CA GLU B 826 -22.00 22.85 12.18
C GLU B 826 -21.25 24.14 12.52
N ASN B 827 -21.82 25.30 12.21
CA ASN B 827 -21.09 26.55 12.40
C ASN B 827 -20.95 27.05 13.86
N PRO B 828 -22.04 27.24 14.67
CA PRO B 828 -21.83 27.98 15.93
C PRO B 828 -21.23 27.17 17.07
N LEU B 829 -20.60 26.04 16.76
CA LEU B 829 -19.84 25.31 17.77
C LEU B 829 -18.34 25.54 17.60
N ALA B 830 -17.81 25.33 16.39
CA ALA B 830 -16.37 25.22 16.16
C ALA B 830 -15.66 26.57 16.04
N GLN B 831 -16.39 27.67 16.07
CA GLN B 831 -15.77 28.99 16.08
C GLN B 831 -16.20 29.83 17.28
N GLN B 832 -17.40 29.59 17.80
CA GLN B 832 -17.87 30.19 19.05
C GLN B 832 -17.26 29.53 20.28
N ILE B 833 -15.93 29.51 20.39
CA ILE B 833 -15.24 28.83 21.48
C ILE B 833 -14.95 29.81 22.62
N LEU B 834 -14.43 30.98 22.26
CA LEU B 834 -13.71 31.85 23.19
C LEU B 834 -14.63 32.67 24.10
N SER B 835 -15.92 32.75 23.81
CA SER B 835 -16.80 33.64 24.58
C SER B 835 -17.07 33.14 25.99
N GLY B 836 -17.17 31.82 26.20
CA GLY B 836 -17.13 31.28 27.53
C GLY B 836 -18.42 30.79 28.16
N GLU B 837 -19.46 30.54 27.36
CA GLU B 837 -20.71 30.02 27.89
C GLU B 837 -21.14 28.74 27.17
N LEU B 838 -20.85 28.62 25.87
CA LEU B 838 -21.21 27.42 25.13
C LEU B 838 -20.02 26.46 25.11
N VAL B 839 -20.18 25.31 25.74
CA VAL B 839 -19.18 24.25 25.79
C VAL B 839 -19.87 22.95 25.39
N PRO B 840 -19.18 22.02 24.70
CA PRO B 840 -19.88 20.86 24.14
C PRO B 840 -20.25 19.83 25.19
N GLY B 841 -21.30 19.08 24.87
CA GLY B 841 -21.88 18.10 25.79
C GLY B 841 -23.39 18.15 25.76
N LYS B 842 -23.92 19.19 25.13
CA LYS B 842 -25.35 19.41 24.97
C LYS B 842 -25.72 19.38 23.49
N VAL B 843 -26.80 18.66 23.16
CA VAL B 843 -27.24 18.48 21.79
C VAL B 843 -28.01 19.71 21.34
N ILE B 844 -27.68 20.22 20.15
CA ILE B 844 -28.26 21.44 19.60
C ILE B 844 -29.65 21.14 19.05
N ARG B 845 -30.52 22.15 19.07
CA ARG B 845 -31.77 22.13 18.32
C ARG B 845 -31.81 23.29 17.34
N LEU B 846 -32.84 23.30 16.50
CA LEU B 846 -33.14 24.40 15.59
C LEU B 846 -34.65 24.55 15.54
N GLU B 847 -35.15 25.78 15.72
CA GLU B 847 -36.57 26.06 15.61
C GLU B 847 -36.81 27.24 14.68
N VAL B 848 -38.05 27.39 14.24
CA VAL B 848 -38.44 28.37 13.22
C VAL B 848 -38.75 29.67 13.96
N ASN B 849 -37.76 30.55 14.02
CA ASN B 849 -37.86 31.88 14.62
C ASN B 849 -36.71 32.72 14.07
N GLU B 850 -36.68 34.00 14.41
CA GLU B 850 -35.50 34.85 14.20
C GLU B 850 -34.70 34.88 15.51
N ASP B 851 -33.86 33.87 15.67
CA ASP B 851 -33.28 33.56 16.97
C ASP B 851 -31.83 33.97 17.16
N ARG B 852 -30.97 33.73 16.15
CA ARG B 852 -29.51 33.66 16.33
C ARG B 852 -29.23 32.69 17.48
N ILE B 853 -29.46 31.40 17.23
CA ILE B 853 -29.80 30.35 18.19
C ILE B 853 -28.99 30.30 19.48
N VAL B 854 -29.66 29.93 20.57
CA VAL B 854 -29.06 29.84 21.91
C VAL B 854 -28.81 28.36 22.18
N ALA B 855 -27.98 28.06 23.18
CA ALA B 855 -27.87 26.69 23.68
C ALA B 855 -27.77 26.78 25.20
N VAL B 856 -28.71 26.14 25.88
CA VAL B 856 -28.74 26.09 27.34
C VAL B 856 -28.03 24.80 27.76
N GLN B 857 -27.30 24.87 28.87
CA GLN B 857 -26.59 23.69 29.36
C GLN B 857 -27.55 22.70 30.02
PB ADP C . 15.02 -12.30 13.56
O1B ADP C . 16.10 -13.32 13.29
O2B ADP C . 13.62 -12.86 13.61
O3B ADP C . 15.15 -11.02 12.76
PA ADP C . 15.40 -12.83 16.31
O1A ADP C . 16.80 -13.41 16.30
O2A ADP C . 14.21 -13.76 16.29
O3A ADP C . 15.32 -11.80 15.07
O5' ADP C . 15.28 -11.92 17.62
C5' ADP C . 14.05 -11.30 17.97
C4' ADP C . 13.87 -11.38 19.47
O4' ADP C . 12.72 -10.64 19.89
C3' ADP C . 13.66 -12.83 19.87
O3' ADP C . 14.69 -13.24 20.77
C2' ADP C . 12.33 -12.86 20.58
O2' ADP C . 12.53 -13.44 21.87
C1' ADP C . 11.88 -11.42 20.74
N9 ADP C . 10.48 -11.25 20.30
C8 ADP C . 10.08 -10.32 19.41
N7 ADP C . 8.74 -10.37 19.20
C5 ADP C . 8.25 -11.34 19.98
C6 ADP C . 6.91 -11.90 20.25
N6 ADP C . 5.81 -11.42 19.61
N1 ADP C . 6.82 -12.90 21.15
C2 ADP C . 7.90 -13.37 21.78
N3 ADP C . 9.15 -12.91 21.60
C4 ADP C . 9.39 -11.90 20.72
PB ADP D . 11.16 30.86 3.41
O1B ADP D . 12.27 30.66 4.40
O2B ADP D . 9.86 30.20 3.77
O3B ADP D . 11.58 30.69 1.97
PA ADP D . 11.91 33.59 3.48
O1A ADP D . 13.16 33.11 2.78
O2A ADP D . 11.20 34.83 2.97
O3A ADP D . 10.80 32.42 3.52
O5' ADP D . 12.25 33.87 5.03
C5' ADP D . 13.47 33.49 5.66
C4' ADP D . 13.68 34.59 6.71
O4' ADP D . 12.68 34.55 7.74
C3' ADP D . 15.01 34.54 7.43
O3' ADP D . 15.96 35.40 6.79
C2' ADP D . 14.71 35.08 8.81
O2' ADP D . 15.38 36.32 9.02
C1' ADP D . 13.20 35.32 8.81
N9 ADP D . 12.66 34.97 10.15
C8 ADP D . 12.83 33.81 10.80
N7 ADP D . 12.22 33.84 12.01
C5 ADP D . 11.65 35.04 12.15
C6 ADP D . 10.84 35.72 13.18
N6 ADP D . 10.52 35.10 14.34
N1 ADP D . 10.44 36.97 12.93
C2 ADP D . 10.74 37.61 11.79
N3 ADP D . 11.47 37.05 10.81
C4 ADP D . 11.94 35.78 10.92
PG AGS E . 5.78 -22.35 -14.62
S1G AGS E . 6.80 -23.13 -13.15
O2G AGS E . 5.47 -20.87 -14.31
O3G AGS E . 6.61 -22.43 -15.94
PB AGS E . 4.52 -24.42 -15.75
O1B AGS E . 5.87 -24.99 -15.69
O2B AGS E . 4.16 -23.90 -17.14
O3B AGS E . 4.48 -23.14 -14.83
PA AGS E . 3.67 -26.50 -14.24
O1A AGS E . 3.41 -27.87 -14.70
O2A AGS E . 5.09 -26.23 -13.75
O3A AGS E . 3.40 -25.45 -15.37
O5' AGS E . 2.63 -26.21 -13.12
C5' AGS E . 1.26 -26.61 -13.26
C4' AGS E . 0.84 -27.43 -12.07
O4' AGS E . -0.35 -28.16 -12.41
C3' AGS E . 1.82 -28.49 -11.59
O3' AGS E . 1.61 -28.79 -10.22
C2' AGS E . 1.47 -29.69 -12.47
O2' AGS E . 1.71 -30.90 -11.79
C1' AGS E . -0.04 -29.51 -12.68
N9 AGS E . -0.49 -29.81 -14.03
C8 AGS E . -0.48 -28.96 -15.11
N7 AGS E . -0.95 -29.49 -16.21
C5 AGS E . -1.30 -30.78 -15.83
C6 AGS E . -1.85 -31.86 -16.54
N6 AGS E . -2.16 -31.81 -17.83
N1 AGS E . -2.06 -33.02 -15.87
C2 AGS E . -1.75 -33.07 -14.56
N3 AGS E . -1.21 -32.11 -13.79
C4 AGS E . -1.01 -30.99 -14.49
PB ADP F . -23.82 15.34 -7.37
O1B ADP F . -22.36 15.53 -7.69
O2B ADP F . -24.77 16.06 -8.27
O3B ADP F . -24.22 13.90 -7.15
PA ADP F . -23.01 15.73 -4.70
O1A ADP F . -22.10 16.91 -4.50
O2A ADP F . -22.40 14.37 -4.94
O3A ADP F . -23.96 16.08 -5.95
O5' ADP F . -24.00 15.65 -3.43
C5' ADP F . -25.37 15.30 -3.56
C4' ADP F . -25.92 14.83 -2.21
O4' ADP F . -27.34 14.77 -2.26
C3' ADP F . -25.42 13.43 -1.86
O3' ADP F . -24.50 13.46 -0.77
C2' ADP F . -26.64 12.63 -1.49
O2' ADP F . -26.58 12.25 -0.12
C1' ADP F . -27.83 13.54 -1.73
N9 ADP F . -28.79 12.93 -2.70
C8 ADP F . -29.21 13.55 -3.82
N7 ADP F . -30.08 12.78 -4.51
C5 ADP F . -30.24 11.64 -3.83
C6 ADP F . -31.02 10.39 -4.01
N6 ADP F . -31.83 10.22 -5.07
N1 ADP F . -30.90 9.43 -3.07
C2 ADP F . -30.11 9.59 -2.01
N3 ADP F . -29.37 10.69 -1.78
C4 ADP F . -29.39 11.74 -2.64
#